data_8VIE
#
_entry.id   8VIE
#
_cell.length_a   1.00
_cell.length_b   1.00
_cell.length_c   1.00
_cell.angle_alpha   90.00
_cell.angle_beta   90.00
_cell.angle_gamma   90.00
#
_symmetry.space_group_name_H-M   'P 1'
#
loop_
_entity.id
_entity.type
_entity.pdbx_description
1 polymer 'Endosomal/lysosomal potassium channel TMEM175'
2 non-polymer 2-phenylpyridin-4-amine
#
_entity_poly.entity_id   1
_entity_poly.type   'polypeptide(L)'
_entity_poly.pdbx_seq_one_letter_code
;MSQPRTPEQALDTPGDCPPGRRDEDAGEGIQCSQRMLSFSDALLSIIATVMILPVTHTEISPEQQFDRSVQRLLATRIAV
YLMTFLIVTVAWAAHTRLFQVVGKTDDTLALLNLACMMTITFLPYTFSLMVTFPDVPLGIFLFCVCVIAIGVVQALIVGY
AFHFPHLLSPQIQRSAHRALYRRHVLGIVLQGPALCFAAAIFSLFFVPLSYLLMVTVILLPYVSKVTGWCRDRLLGHREP
SAHPVEVFSFDLHEPLSKERVEAFSDGVYAIVATLLILDICEDNVPDPKDVKERFSGSLVAALSATGPRFLAYFGSFATV
GLLWFAHHSLFLHVRKATRAMGLLNTLSLAFVGGLPLAYQQTSAFARQPRDELERVRVSCTIIFLASIFQLAMWTTALLH
QAETLQPSVWFGGREHVLMFAKLALYPCASLLAFASTCLLSRFSVGIFHLMQIAVPCAFLLLRLLVGLALATLRVLRGLA
RPEHPPPAPTGQDDPQSQLLPAPC
;
_entity_poly.pdbx_strand_id   A,B
#
# COMPACT_ATOMS: atom_id res chain seq x y z
N ILE A 30 27.64 -4.04 -9.54
CA ILE A 30 27.20 -4.29 -8.18
C ILE A 30 26.25 -3.19 -7.72
N GLN A 31 25.13 -3.58 -7.13
CA GLN A 31 24.13 -2.63 -6.65
C GLN A 31 23.50 -3.16 -5.37
N CYS A 32 23.10 -2.24 -4.50
CA CYS A 32 22.42 -2.61 -3.27
C CYS A 32 20.99 -3.03 -3.56
N SER A 33 20.50 -4.01 -2.79
CA SER A 33 19.18 -4.57 -3.00
C SER A 33 18.14 -4.10 -1.98
N GLN A 34 18.52 -3.20 -1.07
CA GLN A 34 17.57 -2.79 -0.03
C GLN A 34 16.31 -2.18 -0.64
N ARG A 35 16.48 -1.21 -1.55
CA ARG A 35 15.33 -0.58 -2.18
C ARG A 35 14.52 -1.57 -2.99
N MET A 36 15.20 -2.44 -3.74
CA MET A 36 14.50 -3.43 -4.56
C MET A 36 13.70 -4.39 -3.69
N LEU A 37 14.29 -4.88 -2.60
CA LEU A 37 13.58 -5.78 -1.72
C LEU A 37 12.41 -5.08 -1.03
N SER A 38 12.59 -3.80 -0.67
CA SER A 38 11.49 -3.05 -0.08
C SER A 38 10.32 -2.92 -1.06
N PHE A 39 10.63 -2.62 -2.33
CA PHE A 39 9.57 -2.52 -3.33
C PHE A 39 8.88 -3.87 -3.53
N SER A 40 9.65 -4.96 -3.56
CA SER A 40 9.06 -6.28 -3.70
C SER A 40 8.15 -6.60 -2.52
N ASP A 41 8.59 -6.25 -1.31
CA ASP A 41 7.76 -6.49 -0.12
C ASP A 41 6.47 -5.68 -0.20
N ALA A 42 6.56 -4.42 -0.64
CA ALA A 42 5.35 -3.61 -0.76
C ALA A 42 4.39 -4.21 -1.77
N LEU A 43 4.90 -4.65 -2.92
CA LEU A 43 4.04 -5.27 -3.92
C LEU A 43 3.38 -6.54 -3.37
N LEU A 44 4.16 -7.37 -2.69
CA LEU A 44 3.63 -8.62 -2.16
C LEU A 44 2.56 -8.35 -1.09
N SER A 45 2.80 -7.35 -0.25
CA SER A 45 1.81 -6.99 0.76
C SER A 45 0.53 -6.48 0.11
N ILE A 46 0.65 -5.67 -0.94
CA ILE A 46 -0.53 -5.19 -1.64
C ILE A 46 -1.30 -6.36 -2.22
N ILE A 47 -0.60 -7.29 -2.87
CA ILE A 47 -1.27 -8.41 -3.51
C ILE A 47 -1.96 -9.30 -2.48
N ALA A 48 -1.28 -9.56 -1.35
CA ALA A 48 -1.83 -10.49 -0.37
C ALA A 48 -3.16 -9.99 0.20
N THR A 49 -3.36 -8.68 0.23
CA THR A 49 -4.51 -8.06 0.88
C THR A 49 -5.56 -7.57 -0.11
N VAL A 50 -5.79 -8.34 -1.19
CA VAL A 50 -6.75 -7.93 -2.20
C VAL A 50 -8.13 -8.51 -1.89
N MET A 51 -8.21 -9.80 -1.59
CA MET A 51 -9.49 -10.46 -1.40
C MET A 51 -10.24 -9.98 -0.17
N ILE A 52 -9.59 -9.22 0.71
CA ILE A 52 -10.31 -8.61 1.81
C ILE A 52 -11.30 -7.57 1.31
N LEU A 53 -11.02 -6.97 0.15
CA LEU A 53 -11.85 -5.85 -0.30
C LEU A 53 -13.31 -6.26 -0.48
N PRO A 54 -13.64 -7.36 -1.16
CA PRO A 54 -15.05 -7.78 -1.20
C PRO A 54 -15.64 -8.01 0.18
N VAL A 55 -14.86 -8.58 1.10
CA VAL A 55 -15.38 -8.92 2.43
C VAL A 55 -15.89 -7.67 3.13
N THR A 56 -15.12 -6.58 3.07
CA THR A 56 -15.55 -5.34 3.68
C THR A 56 -16.65 -4.65 2.88
N HIS A 57 -16.79 -4.99 1.59
CA HIS A 57 -17.79 -4.39 0.74
C HIS A 57 -19.11 -5.16 0.74
N THR A 58 -19.18 -6.28 1.45
CA THR A 58 -20.42 -7.03 1.53
C THR A 58 -21.48 -6.20 2.24
N GLU A 59 -22.73 -6.33 1.79
CA GLU A 59 -23.82 -5.58 2.39
C GLU A 59 -23.91 -5.87 3.88
N ILE A 60 -24.13 -4.82 4.67
CA ILE A 60 -24.13 -4.97 6.12
C ILE A 60 -25.27 -5.88 6.57
N SER A 61 -26.51 -5.50 6.26
CA SER A 61 -27.67 -6.28 6.63
C SER A 61 -28.61 -6.37 5.44
N PRO A 62 -29.13 -7.56 5.12
CA PRO A 62 -30.07 -7.65 3.98
C PRO A 62 -31.35 -6.85 4.19
N GLU A 63 -31.81 -6.73 5.43
CA GLU A 63 -33.07 -6.09 5.82
C GLU A 63 -34.29 -6.89 5.40
N GLN A 64 -34.11 -8.05 4.77
CA GLN A 64 -35.23 -8.91 4.36
C GLN A 64 -35.07 -10.31 4.95
N GLN A 65 -34.47 -10.41 6.14
CA GLN A 65 -34.23 -11.66 6.84
C GLN A 65 -33.81 -12.77 5.87
N PHE A 66 -32.85 -12.44 5.01
CA PHE A 66 -32.21 -13.39 4.10
C PHE A 66 -30.84 -13.83 4.63
N ASP A 67 -30.73 -13.98 5.95
CA ASP A 67 -29.43 -14.19 6.58
C ASP A 67 -28.69 -15.39 6.00
N ARG A 68 -29.42 -16.41 5.53
CA ARG A 68 -28.76 -17.64 5.09
C ARG A 68 -27.78 -17.37 3.96
N SER A 69 -28.27 -16.86 2.82
CA SER A 69 -27.41 -16.67 1.66
C SER A 69 -26.30 -15.67 1.94
N VAL A 70 -26.62 -14.58 2.63
CA VAL A 70 -25.62 -13.56 2.93
C VAL A 70 -24.51 -14.15 3.79
N GLN A 71 -24.87 -14.92 4.81
CA GLN A 71 -23.87 -15.53 5.68
C GLN A 71 -23.01 -16.53 4.92
N ARG A 72 -23.63 -17.34 4.05
CA ARG A 72 -22.85 -18.29 3.27
C ARG A 72 -21.86 -17.56 2.36
N LEU A 73 -22.31 -16.49 1.70
CA LEU A 73 -21.42 -15.74 0.83
C LEU A 73 -20.28 -15.12 1.63
N LEU A 74 -20.58 -14.55 2.79
CA LEU A 74 -19.54 -13.95 3.61
C LEU A 74 -18.52 -14.98 4.07
N ALA A 75 -19.00 -16.17 4.48
CA ALA A 75 -18.09 -17.21 4.91
C ALA A 75 -17.20 -17.67 3.76
N THR A 76 -17.79 -17.85 2.57
CA THR A 76 -16.98 -18.25 1.42
C THR A 76 -15.92 -17.21 1.10
N ARG A 77 -16.31 -15.92 1.13
CA ARG A 77 -15.34 -14.86 0.85
C ARG A 77 -14.23 -14.85 1.88
N ILE A 78 -14.58 -15.04 3.17
CA ILE A 78 -13.55 -15.03 4.21
C ILE A 78 -12.60 -16.19 4.03
N ALA A 79 -13.11 -17.38 3.71
CA ALA A 79 -12.25 -18.54 3.49
C ALA A 79 -11.34 -18.31 2.29
N VAL A 80 -11.88 -17.76 1.21
CA VAL A 80 -11.06 -17.49 0.03
C VAL A 80 -9.96 -16.49 0.38
N TYR A 81 -10.30 -15.44 1.14
CA TYR A 81 -9.32 -14.44 1.54
C TYR A 81 -8.21 -15.06 2.37
N LEU A 82 -8.57 -15.91 3.35
CA LEU A 82 -7.56 -16.55 4.18
C LEU A 82 -6.63 -17.42 3.32
N MET A 83 -7.22 -18.18 2.40
CA MET A 83 -6.40 -19.07 1.58
C MET A 83 -5.43 -18.27 0.70
N THR A 84 -5.93 -17.22 0.05
CA THR A 84 -5.04 -16.44 -0.81
C THR A 84 -3.95 -15.76 0.01
N PHE A 85 -4.30 -15.26 1.19
CA PHE A 85 -3.29 -14.63 2.04
C PHE A 85 -2.20 -15.62 2.42
N LEU A 86 -2.59 -16.85 2.79
CA LEU A 86 -1.59 -17.85 3.14
C LEU A 86 -0.71 -18.19 1.92
N ILE A 87 -1.32 -18.32 0.75
CA ILE A 87 -0.55 -18.68 -0.44
C ILE A 87 0.44 -17.57 -0.79
N VAL A 88 -0.01 -16.32 -0.74
CA VAL A 88 0.87 -15.19 -1.02
C VAL A 88 1.97 -15.10 0.03
N THR A 89 1.66 -15.42 1.29
CA THR A 89 2.69 -15.45 2.32
C THR A 89 3.75 -16.50 2.00
N VAL A 90 3.33 -17.68 1.55
CA VAL A 90 4.28 -18.72 1.17
C VAL A 90 5.16 -18.22 0.02
N ALA A 91 4.55 -17.59 -0.98
CA ALA A 91 5.32 -17.07 -2.10
C ALA A 91 6.30 -16.00 -1.64
N TRP A 92 5.87 -15.13 -0.73
CA TRP A 92 6.76 -14.09 -0.20
C TRP A 92 7.94 -14.70 0.55
N ALA A 93 7.69 -15.74 1.33
CA ALA A 93 8.78 -16.42 2.04
C ALA A 93 9.76 -17.05 1.04
N ALA A 94 9.23 -17.66 -0.02
CA ALA A 94 10.11 -18.23 -1.04
C ALA A 94 10.97 -17.15 -1.69
N HIS A 95 10.35 -16.01 -2.03
CA HIS A 95 11.11 -14.91 -2.61
C HIS A 95 12.16 -14.38 -1.65
N THR A 96 11.80 -14.29 -0.36
CA THR A 96 12.76 -13.82 0.64
C THR A 96 13.96 -14.74 0.73
N ARG A 97 13.73 -16.05 0.74
CA ARG A 97 14.85 -16.99 0.74
C ARG A 97 15.68 -16.86 -0.53
N LEU A 98 15.02 -16.75 -1.68
CA LEU A 98 15.73 -16.67 -2.95
C LEU A 98 16.65 -15.45 -2.99
N PHE A 99 16.16 -14.30 -2.52
CA PHE A 99 16.98 -13.10 -2.50
C PHE A 99 17.90 -13.03 -1.29
N GLN A 100 17.71 -13.90 -0.30
CA GLN A 100 18.69 -14.03 0.77
C GLN A 100 19.92 -14.78 0.28
N VAL A 101 19.72 -15.85 -0.51
CA VAL A 101 20.86 -16.54 -1.11
C VAL A 101 21.52 -15.73 -2.20
N VAL A 102 20.92 -14.62 -2.63
CA VAL A 102 21.50 -13.72 -3.61
C VAL A 102 21.79 -12.40 -2.90
N GLY A 103 23.05 -12.19 -2.54
CA GLY A 103 23.39 -11.01 -1.75
C GLY A 103 23.19 -9.70 -2.49
N LYS A 104 23.62 -9.65 -3.74
CA LYS A 104 23.64 -8.41 -4.51
C LYS A 104 22.64 -8.47 -5.66
N THR A 105 22.42 -7.33 -6.29
CA THR A 105 21.44 -7.17 -7.36
C THR A 105 22.08 -6.45 -8.54
N ASP A 106 21.32 -6.37 -9.63
CA ASP A 106 21.76 -5.70 -10.85
C ASP A 106 20.52 -5.36 -11.68
N ASP A 107 20.75 -4.67 -12.79
CA ASP A 107 19.63 -4.26 -13.65
C ASP A 107 18.87 -5.47 -14.18
N THR A 108 19.60 -6.48 -14.65
CA THR A 108 18.95 -7.69 -15.14
C THR A 108 18.19 -8.38 -14.02
N LEU A 109 18.80 -8.47 -12.83
CA LEU A 109 18.11 -9.05 -11.69
C LEU A 109 16.89 -8.22 -11.31
N ALA A 110 16.98 -6.90 -11.42
CA ALA A 110 15.82 -6.06 -11.12
C ALA A 110 14.68 -6.33 -12.09
N LEU A 111 14.99 -6.45 -13.38
CA LEU A 111 13.95 -6.75 -14.37
C LEU A 111 13.35 -8.13 -14.11
N LEU A 112 14.18 -9.11 -13.77
CA LEU A 112 13.66 -10.43 -13.47
C LEU A 112 12.78 -10.42 -12.23
N ASN A 113 13.16 -9.62 -11.22
CA ASN A 113 12.33 -9.49 -10.02
C ASN A 113 10.99 -8.85 -10.35
N LEU A 114 11.00 -7.83 -11.22
CA LEU A 114 9.75 -7.22 -11.65
C LEU A 114 8.86 -8.24 -12.36
N ALA A 115 9.46 -9.06 -13.24
CA ALA A 115 8.70 -10.09 -13.92
C ALA A 115 8.13 -11.10 -12.94
N CYS A 116 8.92 -11.50 -11.94
CA CYS A 116 8.44 -12.44 -10.94
C CYS A 116 7.28 -11.87 -10.15
N MET A 117 7.37 -10.59 -9.76
CA MET A 117 6.26 -9.94 -9.08
C MET A 117 5.03 -9.91 -9.97
N MET A 118 5.21 -9.64 -11.27
CA MET A 118 4.07 -9.63 -12.18
C MET A 118 3.40 -11.00 -12.23
N THR A 119 4.20 -12.07 -12.32
CA THR A 119 3.62 -13.41 -12.34
C THR A 119 2.91 -13.73 -11.02
N ILE A 120 3.52 -13.33 -9.90
CA ILE A 120 2.92 -13.60 -8.60
C ILE A 120 1.59 -12.87 -8.44
N THR A 121 1.48 -11.68 -9.02
CA THR A 121 0.29 -10.86 -8.83
C THR A 121 -0.99 -11.55 -9.31
N PHE A 122 -0.88 -12.53 -10.20
CA PHE A 122 -2.05 -13.21 -10.75
C PHE A 122 -2.60 -14.30 -9.83
N LEU A 123 -1.93 -14.61 -8.72
CA LEU A 123 -2.37 -15.71 -7.88
C LEU A 123 -3.77 -15.50 -7.31
N PRO A 124 -4.11 -14.35 -6.73
CA PRO A 124 -5.46 -14.22 -6.13
C PRO A 124 -6.59 -14.45 -7.12
N TYR A 125 -6.50 -13.84 -8.31
CA TYR A 125 -7.57 -14.00 -9.29
C TYR A 125 -7.71 -15.45 -9.72
N THR A 126 -6.58 -16.13 -9.96
CA THR A 126 -6.64 -17.53 -10.37
C THR A 126 -7.23 -18.40 -9.27
N PHE A 127 -6.85 -18.16 -8.02
CA PHE A 127 -7.41 -18.93 -6.92
C PHE A 127 -8.91 -18.70 -6.80
N SER A 128 -9.36 -17.45 -6.95
CA SER A 128 -10.79 -17.17 -6.92
C SER A 128 -11.50 -17.89 -8.05
N LEU A 129 -10.94 -17.85 -9.25
CA LEU A 129 -11.56 -18.54 -10.38
C LEU A 129 -11.66 -20.04 -10.11
N MET A 130 -10.63 -20.62 -9.51
CA MET A 130 -10.68 -22.03 -9.11
C MET A 130 -11.80 -22.28 -8.12
N VAL A 131 -11.91 -21.43 -7.09
CA VAL A 131 -12.83 -21.69 -5.99
C VAL A 131 -14.28 -21.57 -6.46
N THR A 132 -14.61 -20.47 -7.15
CA THR A 132 -16.01 -20.26 -7.54
C THR A 132 -16.45 -21.27 -8.59
N PHE A 133 -15.54 -21.68 -9.47
CA PHE A 133 -15.84 -22.60 -10.58
C PHE A 133 -14.94 -23.81 -10.44
N PRO A 134 -15.26 -24.73 -9.52
CA PRO A 134 -14.42 -25.93 -9.35
C PRO A 134 -14.72 -27.01 -10.38
N ASP A 135 -15.98 -27.05 -10.85
CA ASP A 135 -16.38 -28.13 -11.77
C ASP A 135 -15.55 -28.10 -13.05
N VAL A 136 -15.33 -26.91 -13.61
CA VAL A 136 -14.57 -26.77 -14.85
C VAL A 136 -13.11 -27.13 -14.60
N PRO A 137 -12.42 -27.73 -15.55
CA PRO A 137 -11.00 -28.06 -15.36
C PRO A 137 -10.02 -26.96 -15.78
N LEU A 138 -10.50 -25.74 -16.02
CA LEU A 138 -9.66 -24.66 -16.55
C LEU A 138 -9.01 -23.82 -15.46
N GLY A 139 -9.72 -23.55 -14.35
CA GLY A 139 -9.12 -22.77 -13.29
C GLY A 139 -7.90 -23.43 -12.68
N ILE A 140 -7.97 -24.74 -12.46
CA ILE A 140 -6.82 -25.47 -11.93
C ILE A 140 -5.67 -25.43 -12.93
N PHE A 141 -5.97 -25.52 -14.22
CA PHE A 141 -4.93 -25.41 -15.23
C PHE A 141 -4.25 -24.05 -15.18
N LEU A 142 -5.04 -22.99 -15.05
CA LEU A 142 -4.45 -21.65 -14.95
C LEU A 142 -3.59 -21.51 -13.70
N PHE A 143 -4.07 -22.04 -12.58
CA PHE A 143 -3.29 -21.96 -11.35
C PHE A 143 -1.97 -22.71 -11.48
N CYS A 144 -2.01 -23.90 -12.06
CA CYS A 144 -0.77 -24.66 -12.26
C CYS A 144 0.17 -23.92 -13.19
N VAL A 145 -0.37 -23.31 -14.25
CA VAL A 145 0.46 -22.55 -15.18
C VAL A 145 1.12 -21.39 -14.46
N CYS A 146 0.37 -20.67 -13.63
CA CYS A 146 0.94 -19.54 -12.91
C CYS A 146 2.02 -19.99 -11.93
N VAL A 147 1.78 -21.08 -11.20
CA VAL A 147 2.80 -21.56 -10.27
C VAL A 147 4.06 -21.97 -11.02
N ILE A 148 3.89 -22.67 -12.15
CA ILE A 148 5.05 -23.07 -12.95
C ILE A 148 5.78 -21.84 -13.47
N ALA A 149 5.04 -20.79 -13.84
CA ALA A 149 5.68 -19.57 -14.31
C ALA A 149 6.52 -18.92 -13.21
N ILE A 150 5.97 -18.85 -11.99
CA ILE A 150 6.75 -18.31 -10.87
C ILE A 150 8.00 -19.14 -10.65
N GLY A 151 7.86 -20.47 -10.69
CA GLY A 151 9.03 -21.32 -10.55
C GLY A 151 10.06 -21.07 -11.62
N VAL A 152 9.61 -20.86 -12.86
CA VAL A 152 10.53 -20.62 -13.96
C VAL A 152 11.26 -19.30 -13.77
N VAL A 153 10.55 -18.25 -13.34
CA VAL A 153 11.22 -16.97 -13.12
C VAL A 153 12.24 -17.09 -12.01
N GLN A 154 11.89 -17.79 -10.92
CA GLN A 154 12.86 -17.98 -9.84
C GLN A 154 14.07 -18.77 -10.31
N ALA A 155 13.84 -19.81 -11.12
CA ALA A 155 14.95 -20.60 -11.64
C ALA A 155 15.86 -19.75 -12.52
N LEU A 156 15.27 -18.91 -13.37
CA LEU A 156 16.07 -18.02 -14.21
C LEU A 156 16.88 -17.05 -13.36
N ILE A 157 16.27 -16.51 -12.31
CA ILE A 157 16.97 -15.56 -11.44
C ILE A 157 18.17 -16.25 -10.80
N VAL A 158 17.96 -17.43 -10.23
CA VAL A 158 19.05 -18.11 -9.55
C VAL A 158 20.13 -18.53 -10.53
N GLY A 159 19.74 -18.95 -11.74
CA GLY A 159 20.73 -19.31 -12.74
C GLY A 159 21.58 -18.12 -13.17
N TYR A 160 20.94 -16.97 -13.38
CA TYR A 160 21.69 -15.77 -13.74
C TYR A 160 22.62 -15.36 -12.61
N ALA A 161 22.16 -15.46 -11.36
CA ALA A 161 23.02 -15.13 -10.22
C ALA A 161 24.22 -16.07 -10.15
N PHE A 162 24.00 -17.36 -10.37
CA PHE A 162 25.09 -18.32 -10.29
C PHE A 162 26.08 -18.14 -11.43
N HIS A 163 25.59 -17.78 -12.62
CA HIS A 163 26.48 -17.60 -13.76
C HIS A 163 27.50 -16.50 -13.49
N PHE A 164 27.18 -15.56 -12.61
CA PHE A 164 28.08 -14.47 -12.24
C PHE A 164 28.42 -14.60 -10.76
N PRO A 165 29.58 -15.16 -10.40
CA PRO A 165 29.85 -15.43 -8.98
C PRO A 165 29.86 -14.19 -8.10
N HIS A 166 30.32 -13.05 -8.62
CA HIS A 166 30.46 -11.86 -7.79
C HIS A 166 29.12 -11.30 -7.33
N LEU A 167 28.01 -11.75 -7.92
CA LEU A 167 26.68 -11.29 -7.52
C LEU A 167 26.05 -12.16 -6.45
N LEU A 168 26.73 -13.22 -6.01
CA LEU A 168 26.19 -14.12 -5.00
C LEU A 168 26.57 -13.66 -3.60
N SER A 169 25.96 -14.29 -2.61
CA SER A 169 26.26 -13.96 -1.22
C SER A 169 27.71 -14.31 -0.90
N PRO A 170 28.40 -13.50 -0.09
CA PRO A 170 29.82 -13.79 0.18
C PRO A 170 30.04 -15.16 0.82
N GLN A 171 29.14 -15.60 1.70
CA GLN A 171 29.33 -16.88 2.37
C GLN A 171 29.24 -18.04 1.39
N ILE A 172 28.17 -18.08 0.59
CA ILE A 172 28.01 -19.16 -0.37
C ILE A 172 29.02 -19.04 -1.50
N GLN A 173 29.29 -17.82 -1.97
CA GLN A 173 30.25 -17.59 -3.05
C GLN A 173 31.66 -17.94 -2.60
N GLU A 254 17.66 -22.14 9.80
CA GLU A 254 17.00 -21.48 8.69
C GLU A 254 16.43 -20.13 9.12
N PRO A 255 17.30 -19.21 9.50
CA PRO A 255 16.84 -17.88 9.95
C PRO A 255 16.30 -17.05 8.80
N LEU A 256 15.42 -16.13 9.15
CA LEU A 256 14.81 -15.21 8.21
C LEU A 256 15.51 -13.86 8.29
N SER A 257 15.00 -12.87 7.55
CA SER A 257 15.54 -11.53 7.53
C SER A 257 14.60 -10.59 8.28
N LYS A 258 15.15 -9.83 9.22
CA LYS A 258 14.32 -8.90 9.99
C LYS A 258 13.71 -7.83 9.11
N GLU A 259 14.50 -7.29 8.17
CA GLU A 259 14.01 -6.18 7.34
C GLU A 259 12.81 -6.59 6.51
N ARG A 260 12.87 -7.77 5.87
CA ARG A 260 11.77 -8.20 5.02
C ARG A 260 10.49 -8.39 5.83
N VAL A 261 10.60 -9.04 6.99
CA VAL A 261 9.43 -9.27 7.83
C VAL A 261 8.85 -7.94 8.30
N GLU A 262 9.73 -7.02 8.72
CA GLU A 262 9.27 -5.72 9.19
C GLU A 262 8.53 -4.96 8.09
N ALA A 263 9.10 -4.96 6.87
CA ALA A 263 8.47 -4.25 5.78
C ALA A 263 7.12 -4.86 5.42
N PHE A 264 7.04 -6.20 5.37
CA PHE A 264 5.79 -6.85 5.06
C PHE A 264 4.73 -6.54 6.12
N SER A 265 5.12 -6.59 7.40
CA SER A 265 4.18 -6.29 8.47
C SER A 265 3.69 -4.86 8.39
N ASP A 266 4.60 -3.91 8.15
CA ASP A 266 4.20 -2.51 8.04
C ASP A 266 3.25 -2.32 6.87
N GLY A 267 3.54 -2.93 5.72
CA GLY A 267 2.63 -2.80 4.59
C GLY A 267 1.26 -3.36 4.89
N VAL A 268 1.20 -4.54 5.50
CA VAL A 268 -0.09 -5.17 5.80
C VAL A 268 -0.87 -4.30 6.78
N TYR A 269 -0.21 -3.81 7.82
CA TYR A 269 -0.88 -2.99 8.81
C TYR A 269 -1.40 -1.70 8.19
N ALA A 270 -0.59 -1.05 7.35
CA ALA A 270 -1.02 0.18 6.69
C ALA A 270 -2.21 -0.07 5.80
N ILE A 271 -2.20 -1.17 5.03
CA ILE A 271 -3.32 -1.48 4.16
C ILE A 271 -4.59 -1.73 4.98
N VAL A 272 -4.47 -2.50 6.06
CA VAL A 272 -5.64 -2.85 6.85
C VAL A 272 -6.22 -1.61 7.53
N ALA A 273 -5.36 -0.75 8.08
CA ALA A 273 -5.84 0.37 8.88
C ALA A 273 -6.67 1.35 8.05
N THR A 274 -6.25 1.62 6.82
CA THR A 274 -6.84 2.68 6.01
C THR A 274 -7.91 2.18 5.04
N LEU A 275 -8.35 0.92 5.17
CA LEU A 275 -9.35 0.39 4.26
C LEU A 275 -10.68 1.13 4.40
N LEU A 276 -11.13 1.34 5.64
CA LEU A 276 -12.43 1.95 5.87
C LEU A 276 -12.47 3.38 5.35
N ILE A 277 -11.41 4.15 5.59
CA ILE A 277 -11.38 5.52 5.09
C ILE A 277 -11.33 5.52 3.57
N LEU A 278 -10.62 4.57 2.97
CA LEU A 278 -10.61 4.45 1.52
C LEU A 278 -12.03 4.24 1.00
N ASP A 279 -12.77 3.31 1.60
CA ASP A 279 -14.14 3.07 1.18
C ASP A 279 -15.02 4.30 1.37
N ILE A 280 -14.84 5.00 2.50
CA ILE A 280 -15.65 6.18 2.78
C ILE A 280 -15.41 7.24 1.71
N CYS A 281 -14.14 7.50 1.41
CA CYS A 281 -13.83 8.46 0.35
C CYS A 281 -14.36 7.99 -1.00
N GLU A 282 -14.41 6.67 -1.21
CA GLU A 282 -14.83 6.15 -2.50
C GLU A 282 -16.33 6.35 -2.72
N ASP A 283 -17.15 6.02 -1.71
CA ASP A 283 -18.59 5.91 -1.91
C ASP A 283 -19.44 6.75 -0.98
N ASN A 284 -18.86 7.39 0.04
CA ASN A 284 -19.64 8.07 1.07
C ASN A 284 -19.60 9.58 0.93
N VAL A 285 -19.62 10.08 -0.31
CA VAL A 285 -19.69 11.52 -0.58
C VAL A 285 -21.15 11.86 -0.89
N PRO A 286 -21.80 12.71 -0.10
CA PRO A 286 -23.22 13.01 -0.36
C PRO A 286 -23.42 13.64 -1.74
N ASP A 287 -24.58 13.32 -2.35
CA ASP A 287 -24.94 13.85 -3.65
C ASP A 287 -25.75 15.14 -3.49
N PRO A 288 -25.60 16.10 -4.43
CA PRO A 288 -26.32 17.38 -4.26
C PRO A 288 -27.83 17.23 -4.19
N LYS A 289 -28.43 16.64 -5.22
CA LYS A 289 -29.89 16.53 -5.26
C LYS A 289 -30.42 15.58 -4.20
N ASP A 290 -29.65 14.55 -3.84
CA ASP A 290 -30.05 13.65 -2.77
C ASP A 290 -30.19 14.43 -1.47
N VAL A 291 -29.21 15.27 -1.15
CA VAL A 291 -29.30 16.11 0.04
C VAL A 291 -30.45 17.10 -0.09
N LYS A 292 -30.64 17.66 -1.28
CA LYS A 292 -31.69 18.65 -1.47
C LYS A 292 -33.06 18.06 -1.19
N GLU A 293 -33.32 16.84 -1.67
CA GLU A 293 -34.67 16.28 -1.61
C GLU A 293 -34.89 15.42 -0.37
N ARG A 294 -34.00 14.46 -0.11
CA ARG A 294 -34.24 13.51 0.98
C ARG A 294 -34.05 14.17 2.35
N PHE A 295 -32.98 14.94 2.51
CA PHE A 295 -32.59 15.49 3.80
C PHE A 295 -32.90 16.98 3.91
N SER A 296 -33.87 17.46 3.13
CA SER A 296 -34.30 18.86 3.17
C SER A 296 -33.14 19.82 2.90
N GLY A 297 -32.20 19.40 2.06
CA GLY A 297 -31.08 20.25 1.70
C GLY A 297 -30.22 20.66 2.88
N SER A 298 -29.90 19.70 3.75
CA SER A 298 -29.06 19.96 4.91
C SER A 298 -27.90 18.98 4.91
N LEU A 299 -26.67 19.50 4.94
CA LEU A 299 -25.49 18.65 4.93
C LEU A 299 -25.23 18.03 6.29
N VAL A 300 -25.56 18.74 7.37
CA VAL A 300 -25.33 18.21 8.71
C VAL A 300 -26.12 16.92 8.92
N ALA A 301 -27.32 16.85 8.35
CA ALA A 301 -28.11 15.62 8.45
C ALA A 301 -27.39 14.46 7.76
N ALA A 302 -26.82 14.71 6.58
CA ALA A 302 -26.07 13.66 5.89
C ALA A 302 -24.86 13.21 6.70
N LEU A 303 -24.13 14.18 7.28
CA LEU A 303 -22.99 13.81 8.10
C LEU A 303 -23.40 13.00 9.31
N SER A 304 -24.50 13.37 9.96
CA SER A 304 -24.99 12.60 11.09
C SER A 304 -25.37 11.19 10.66
N ALA A 305 -26.01 11.06 9.49
CA ALA A 305 -26.38 9.74 8.99
C ALA A 305 -25.15 8.88 8.73
N THR A 306 -24.10 9.49 8.17
CA THR A 306 -22.88 8.75 7.82
C THR A 306 -21.91 8.61 8.97
N GLY A 307 -22.20 9.21 10.13
CA GLY A 307 -21.32 9.13 11.27
C GLY A 307 -20.91 7.74 11.71
N PRO A 308 -21.82 6.76 11.69
CA PRO A 308 -21.43 5.41 12.15
C PRO A 308 -20.21 4.86 11.43
N ARG A 309 -20.11 5.10 10.12
CA ARG A 309 -18.93 4.65 9.39
C ARG A 309 -17.67 5.35 9.90
N PHE A 310 -17.78 6.64 10.21
CA PHE A 310 -16.63 7.35 10.77
C PHE A 310 -16.23 6.77 12.12
N LEU A 311 -17.21 6.42 12.96
CA LEU A 311 -16.89 5.80 14.24
C LEU A 311 -16.21 4.45 14.05
N ALA A 312 -16.71 3.65 13.11
CA ALA A 312 -16.10 2.36 12.83
C ALA A 312 -14.66 2.53 12.36
N TYR A 313 -14.42 3.50 11.48
CA TYR A 313 -13.06 3.77 11.03
C TYR A 313 -12.18 4.21 12.19
N PHE A 314 -12.70 5.08 13.07
CA PHE A 314 -11.96 5.50 14.24
C PHE A 314 -11.49 4.29 15.04
N GLY A 315 -12.43 3.41 15.38
CA GLY A 315 -12.09 2.25 16.18
C GLY A 315 -11.09 1.34 15.49
N SER A 316 -11.34 1.04 14.22
CA SER A 316 -10.44 0.14 13.49
C SER A 316 -9.04 0.71 13.40
N PHE A 317 -8.93 1.99 13.06
CA PHE A 317 -7.62 2.61 12.95
C PHE A 317 -6.90 2.62 14.29
N ALA A 318 -7.61 2.95 15.36
CA ALA A 318 -6.98 2.96 16.68
C ALA A 318 -6.45 1.58 17.03
N THR A 319 -7.29 0.55 16.87
CA THR A 319 -6.88 -0.81 17.25
C THR A 319 -5.69 -1.27 16.40
N VAL A 320 -5.75 -1.03 15.09
CA VAL A 320 -4.67 -1.47 14.22
C VAL A 320 -3.39 -0.73 14.53
N GLY A 321 -3.49 0.58 14.83
CA GLY A 321 -2.30 1.34 15.14
C GLY A 321 -1.64 0.88 16.43
N LEU A 322 -2.44 0.62 17.47
CA LEU A 322 -1.86 0.12 18.71
C LEU A 322 -1.25 -1.28 18.51
N LEU A 323 -1.92 -2.13 17.74
CA LEU A 323 -1.34 -3.44 17.46
C LEU A 323 -0.02 -3.32 16.72
N TRP A 324 0.06 -2.41 15.75
CA TRP A 324 1.30 -2.20 15.03
C TRP A 324 2.39 -1.63 15.94
N PHE A 325 2.01 -0.76 16.88
CA PHE A 325 2.97 -0.23 17.82
C PHE A 325 3.56 -1.35 18.68
N ALA A 326 2.69 -2.25 19.17
CA ALA A 326 3.19 -3.40 19.92
C ALA A 326 4.09 -4.26 19.07
N HIS A 327 3.71 -4.49 17.81
CA HIS A 327 4.53 -5.29 16.91
C HIS A 327 5.91 -4.67 16.72
N HIS A 328 5.97 -3.36 16.50
CA HIS A 328 7.24 -2.68 16.31
C HIS A 328 8.10 -2.74 17.57
N SER A 329 7.48 -2.52 18.73
CA SER A 329 8.24 -2.60 19.97
C SER A 329 8.81 -4.00 20.18
N LEU A 330 8.03 -5.03 19.88
CA LEU A 330 8.51 -6.40 20.03
C LEU A 330 9.63 -6.71 19.04
N PHE A 331 9.48 -6.29 17.79
CA PHE A 331 10.47 -6.64 16.77
C PHE A 331 11.73 -5.80 16.87
N LEU A 332 11.68 -4.67 17.58
CA LEU A 332 12.90 -3.87 17.74
C LEU A 332 13.96 -4.63 18.52
N HIS A 333 13.54 -5.38 19.56
CA HIS A 333 14.45 -6.09 20.44
C HIS A 333 14.73 -7.51 19.98
N VAL A 334 14.63 -7.78 18.68
CA VAL A 334 14.84 -9.12 18.13
C VAL A 334 16.07 -9.09 17.24
N ARG A 335 16.99 -10.03 17.46
CA ARG A 335 18.20 -10.15 16.66
C ARG A 335 18.00 -11.10 15.48
N LYS A 336 17.50 -12.30 15.75
CA LYS A 336 17.28 -13.33 14.74
C LYS A 336 15.81 -13.71 14.72
N ALA A 337 15.26 -13.89 13.52
CA ALA A 337 13.87 -14.28 13.32
C ALA A 337 13.84 -15.69 12.75
N THR A 338 13.24 -16.62 13.50
CA THR A 338 13.15 -17.99 13.05
C THR A 338 11.88 -18.20 12.21
N ARG A 339 11.79 -19.37 11.58
CA ARG A 339 10.65 -19.66 10.73
C ARG A 339 9.36 -19.75 11.53
N ALA A 340 9.42 -20.28 12.75
CA ALA A 340 8.22 -20.34 13.58
C ALA A 340 7.70 -18.95 13.90
N MET A 341 8.59 -18.02 14.22
CA MET A 341 8.17 -16.64 14.48
C MET A 341 7.56 -16.03 13.23
N GLY A 342 8.12 -16.32 12.05
CA GLY A 342 7.54 -15.82 10.83
C GLY A 342 6.14 -16.37 10.59
N LEU A 343 5.95 -17.67 10.82
CA LEU A 343 4.63 -18.26 10.65
C LEU A 343 3.62 -17.64 11.61
N LEU A 344 4.02 -17.45 12.88
CA LEU A 344 3.12 -16.86 13.85
C LEU A 344 2.78 -15.41 13.47
N ASN A 345 3.77 -14.65 13.01
CA ASN A 345 3.52 -13.28 12.59
C ASN A 345 2.58 -13.24 11.39
N THR A 346 2.76 -14.16 10.44
CA THR A 346 1.87 -14.20 9.28
C THR A 346 0.45 -14.55 9.69
N LEU A 347 0.30 -15.49 10.63
CA LEU A 347 -1.04 -15.81 11.13
C LEU A 347 -1.67 -14.61 11.81
N SER A 348 -0.89 -13.90 12.62
CA SER A 348 -1.41 -12.71 13.28
C SER A 348 -1.84 -11.65 12.26
N LEU A 349 -1.04 -11.45 11.22
CA LEU A 349 -1.39 -10.49 10.18
C LEU A 349 -2.66 -10.92 9.45
N ALA A 350 -2.79 -12.21 9.15
CA ALA A 350 -3.98 -12.70 8.47
C ALA A 350 -5.22 -12.47 9.33
N PHE A 351 -5.13 -12.73 10.64
CA PHE A 351 -6.27 -12.51 11.51
C PHE A 351 -6.51 -11.03 11.78
N VAL A 352 -5.51 -10.18 11.57
CA VAL A 352 -5.70 -8.75 11.74
C VAL A 352 -6.60 -8.18 10.65
N GLY A 353 -6.57 -8.77 9.45
CA GLY A 353 -7.36 -8.26 8.34
C GLY A 353 -8.85 -8.28 8.59
N GLY A 354 -9.30 -9.05 9.57
CA GLY A 354 -10.72 -9.11 9.89
C GLY A 354 -11.21 -8.01 10.81
N LEU A 355 -10.31 -7.20 11.36
CA LEU A 355 -10.73 -6.14 12.27
C LEU A 355 -11.65 -5.13 11.60
N PRO A 356 -11.37 -4.63 10.39
CA PRO A 356 -12.32 -3.68 9.77
C PRO A 356 -13.72 -4.25 9.62
N LEU A 357 -13.84 -5.53 9.23
CA LEU A 357 -15.15 -6.15 9.11
C LEU A 357 -15.84 -6.23 10.47
N ALA A 358 -15.10 -6.62 11.51
CA ALA A 358 -15.69 -6.72 12.84
C ALA A 358 -16.19 -5.37 13.31
N TYR A 359 -15.40 -4.31 13.10
CA TYR A 359 -15.82 -2.98 13.55
C TYR A 359 -16.99 -2.47 12.72
N GLN A 360 -17.01 -2.76 11.41
CA GLN A 360 -18.14 -2.37 10.58
C GLN A 360 -19.42 -3.05 11.07
N GLN A 361 -19.35 -4.34 11.40
CA GLN A 361 -20.51 -5.05 11.91
C GLN A 361 -20.94 -4.50 13.27
N THR A 362 -19.98 -4.24 14.16
CA THR A 362 -20.32 -3.77 15.50
C THR A 362 -20.96 -2.40 15.46
N SER A 363 -20.39 -1.48 14.68
CA SER A 363 -20.93 -0.12 14.64
C SER A 363 -22.27 -0.07 13.93
N ALA A 364 -22.54 -1.03 13.04
CA ALA A 364 -23.82 -1.06 12.35
C ALA A 364 -24.96 -1.27 13.33
N PHE A 365 -26.09 -0.63 13.05
CA PHE A 365 -27.25 -0.76 13.91
C PHE A 365 -27.68 -2.22 14.02
N ALA A 366 -27.97 -2.66 15.23
CA ALA A 366 -28.39 -4.04 15.50
C ALA A 366 -29.91 -4.09 15.63
N ARG A 367 -30.52 -5.04 14.95
CA ARG A 367 -31.98 -5.17 15.00
C ARG A 367 -32.45 -5.48 16.42
N GLN A 368 -31.76 -6.37 17.11
CA GLN A 368 -32.10 -6.78 18.46
C GLN A 368 -30.85 -6.77 19.32
N PRO A 369 -30.99 -6.64 20.64
CA PRO A 369 -29.80 -6.61 21.50
C PRO A 369 -28.93 -7.85 21.37
N ARG A 370 -29.53 -9.03 21.20
CA ARG A 370 -28.75 -10.25 21.09
C ARG A 370 -27.84 -10.20 19.86
N ASP A 371 -28.31 -9.58 18.78
CA ASP A 371 -27.45 -9.40 17.62
C ASP A 371 -26.22 -8.56 17.98
N GLU A 372 -26.43 -7.49 18.74
CA GLU A 372 -25.30 -6.67 19.18
C GLU A 372 -24.34 -7.47 20.04
N LEU A 373 -24.87 -8.29 20.96
CA LEU A 373 -24.00 -9.12 21.78
C LEU A 373 -23.17 -10.06 20.91
N GLU A 374 -23.80 -10.69 19.92
CA GLU A 374 -23.06 -11.61 19.05
C GLU A 374 -21.99 -10.87 18.25
N ARG A 375 -22.29 -9.66 17.77
CA ARG A 375 -21.30 -8.90 17.01
C ARG A 375 -20.11 -8.53 17.90
N VAL A 376 -20.38 -8.11 19.14
CA VAL A 376 -19.30 -7.81 20.07
C VAL A 376 -18.47 -9.06 20.35
N ARG A 377 -19.14 -10.21 20.51
CA ARG A 377 -18.41 -11.45 20.73
C ARG A 377 -17.49 -11.74 19.55
N VAL A 378 -17.98 -11.56 18.34
CA VAL A 378 -17.17 -11.83 17.14
C VAL A 378 -15.97 -10.91 17.10
N SER A 379 -16.19 -9.61 17.37
CA SER A 379 -15.08 -8.66 17.33
C SER A 379 -14.04 -8.99 18.39
N CYS A 380 -14.50 -9.32 19.60
CA CYS A 380 -13.57 -9.67 20.68
C CYS A 380 -12.77 -10.91 20.32
N THR A 381 -13.43 -11.92 19.75
CA THR A 381 -12.73 -13.13 19.33
C THR A 381 -11.68 -12.82 18.28
N ILE A 382 -12.02 -11.96 17.32
CA ILE A 382 -11.06 -11.61 16.27
C ILE A 382 -9.85 -10.91 16.87
N ILE A 383 -10.08 -9.96 17.79
CA ILE A 383 -8.96 -9.26 18.41
C ILE A 383 -8.10 -10.23 19.21
N PHE A 384 -8.74 -11.13 19.96
CA PHE A 384 -8.01 -12.09 20.76
C PHE A 384 -7.14 -12.99 19.88
N LEU A 385 -7.70 -13.47 18.76
CA LEU A 385 -6.91 -14.28 17.84
C LEU A 385 -5.75 -13.49 17.27
N ALA A 386 -5.98 -12.22 16.93
CA ALA A 386 -4.92 -11.40 16.36
C ALA A 386 -3.76 -11.23 17.34
N SER A 387 -4.06 -11.02 18.62
CA SER A 387 -3.02 -10.70 19.58
C SER A 387 -2.37 -11.92 20.20
N ILE A 388 -3.10 -13.04 20.33
CA ILE A 388 -2.54 -14.22 20.96
C ILE A 388 -1.39 -14.79 20.13
N PHE A 389 -1.46 -14.64 18.81
CA PHE A 389 -0.36 -15.11 17.97
C PHE A 389 0.91 -14.31 18.20
N GLN A 390 0.79 -12.99 18.37
CA GLN A 390 1.95 -12.18 18.71
C GLN A 390 2.50 -12.60 20.07
N LEU A 391 1.62 -12.83 21.04
CA LEU A 391 2.09 -13.29 22.34
C LEU A 391 2.84 -14.61 22.22
N ALA A 392 2.29 -15.55 21.44
CA ALA A 392 2.92 -16.85 21.28
C ALA A 392 4.28 -16.72 20.59
N MET A 393 4.38 -15.83 19.60
CA MET A 393 5.65 -15.64 18.93
C MET A 393 6.68 -15.03 19.88
N TRP A 394 6.24 -14.14 20.76
CA TRP A 394 7.19 -13.61 21.75
C TRP A 394 7.64 -14.70 22.71
N THR A 395 6.74 -15.61 23.09
CA THR A 395 7.17 -16.73 23.93
C THR A 395 8.16 -17.63 23.18
N THR A 396 7.91 -17.86 21.89
CA THR A 396 8.85 -18.65 21.09
C THR A 396 10.20 -17.97 20.99
N ALA A 397 10.21 -16.63 21.02
CA ALA A 397 11.48 -15.91 21.05
C ALA A 397 12.16 -16.01 22.41
N LEU A 398 11.36 -15.97 23.48
CA LEU A 398 11.92 -16.16 24.81
C LEU A 398 12.49 -17.57 24.97
N LEU A 399 11.99 -18.53 24.17
CA LEU A 399 12.48 -19.89 24.25
C LEU A 399 14.00 -19.93 24.10
N HIS A 400 14.53 -19.31 23.04
CA HIS A 400 15.97 -19.06 22.94
C HIS A 400 16.18 -17.56 22.64
N GLN A 401 16.00 -16.75 23.69
CA GLN A 401 16.48 -15.38 23.68
C GLN A 401 17.97 -15.31 23.35
N ALA A 402 18.74 -16.32 23.79
CA ALA A 402 20.18 -16.30 23.57
C ALA A 402 20.52 -16.04 22.11
N GLU A 403 19.75 -16.64 21.19
CA GLU A 403 19.93 -16.43 19.77
C GLU A 403 18.85 -15.55 19.16
N THR A 404 17.86 -15.13 19.93
CA THR A 404 16.73 -14.37 19.39
C THR A 404 16.70 -12.93 19.92
N LEU A 405 16.67 -12.74 21.24
CA LEU A 405 16.48 -11.43 21.83
C LEU A 405 17.80 -10.79 22.21
N GLN A 406 17.77 -9.47 22.40
CA GLN A 406 18.89 -8.73 22.94
C GLN A 406 18.98 -8.93 24.45
N PRO A 407 20.14 -8.64 25.04
CA PRO A 407 20.27 -8.80 26.50
C PRO A 407 19.30 -7.94 27.29
N SER A 408 18.85 -6.82 26.73
CA SER A 408 17.98 -5.92 27.48
C SER A 408 16.67 -6.60 27.87
N VAL A 409 16.07 -7.35 26.94
CA VAL A 409 14.79 -8.00 27.17
C VAL A 409 14.96 -9.44 27.64
N TRP A 410 16.16 -9.82 28.06
CA TRP A 410 16.36 -11.17 28.58
C TRP A 410 15.55 -11.37 29.86
N PHE A 411 15.49 -12.62 30.31
CA PHE A 411 14.78 -12.93 31.54
C PHE A 411 15.34 -12.12 32.69
N GLY A 412 14.45 -11.47 33.44
CA GLY A 412 14.87 -10.58 34.50
C GLY A 412 15.42 -9.26 34.05
N GLY A 413 15.24 -8.90 32.77
CA GLY A 413 15.78 -7.67 32.25
C GLY A 413 14.98 -6.45 32.67
N ARG A 414 15.53 -5.28 32.33
CA ARG A 414 14.88 -4.03 32.70
C ARG A 414 13.53 -3.88 32.02
N GLU A 415 13.45 -4.23 30.74
CA GLU A 415 12.24 -4.06 29.94
C GLU A 415 11.45 -5.35 29.78
N HIS A 416 11.83 -6.41 30.50
CA HIS A 416 11.12 -7.68 30.36
C HIS A 416 9.66 -7.55 30.78
N VAL A 417 9.41 -6.96 31.96
CA VAL A 417 8.05 -6.81 32.44
C VAL A 417 7.29 -5.81 31.57
N LEU A 418 7.96 -4.75 31.12
CA LEU A 418 7.31 -3.79 30.24
C LEU A 418 6.85 -4.46 28.95
N MET A 419 7.69 -5.31 28.36
CA MET A 419 7.30 -6.01 27.15
C MET A 419 6.20 -7.02 27.43
N PHE A 420 6.27 -7.70 28.58
CA PHE A 420 5.18 -8.58 28.99
C PHE A 420 3.85 -7.83 28.99
N ALA A 421 3.81 -6.68 29.64
CA ALA A 421 2.59 -5.90 29.72
C ALA A 421 2.15 -5.42 28.34
N LYS A 422 3.11 -4.96 27.52
CA LYS A 422 2.77 -4.46 26.20
C LYS A 422 2.12 -5.55 25.34
N LEU A 423 2.64 -6.77 25.42
CA LEU A 423 2.12 -7.86 24.60
C LEU A 423 0.94 -8.58 25.23
N ALA A 424 0.66 -8.37 26.52
CA ALA A 424 -0.47 -9.01 27.18
C ALA A 424 -1.64 -8.08 27.45
N LEU A 425 -1.50 -6.77 27.19
CA LEU A 425 -2.60 -5.86 27.44
C LEU A 425 -3.81 -6.18 26.57
N TYR A 426 -3.59 -6.46 25.29
CA TYR A 426 -4.71 -6.68 24.37
C TYR A 426 -5.31 -8.06 24.56
N PRO A 427 -4.51 -9.13 24.58
CA PRO A 427 -5.09 -10.47 24.80
C PRO A 427 -5.91 -10.55 26.08
N CYS A 428 -5.36 -10.08 27.19
CA CYS A 428 -6.06 -10.18 28.47
C CYS A 428 -7.35 -9.36 28.45
N ALA A 429 -7.28 -8.13 27.95
CA ALA A 429 -8.47 -7.27 27.92
C ALA A 429 -9.56 -7.87 27.03
N SER A 430 -9.16 -8.40 25.87
CA SER A 430 -10.13 -9.04 24.99
C SER A 430 -10.76 -10.25 25.67
N LEU A 431 -9.95 -11.02 26.42
CA LEU A 431 -10.49 -12.16 27.13
C LEU A 431 -11.51 -11.73 28.18
N LEU A 432 -11.20 -10.67 28.93
CA LEU A 432 -12.16 -10.19 29.93
C LEU A 432 -13.44 -9.69 29.27
N ALA A 433 -13.32 -8.98 28.15
CA ALA A 433 -14.51 -8.50 27.45
C ALA A 433 -15.36 -9.68 26.96
N PHE A 434 -14.70 -10.70 26.39
CA PHE A 434 -15.42 -11.88 25.93
C PHE A 434 -16.13 -12.57 27.09
N ALA A 435 -15.46 -12.69 28.23
CA ALA A 435 -16.08 -13.30 29.40
C ALA A 435 -17.29 -12.48 29.86
N SER A 436 -17.14 -11.15 29.90
CA SER A 436 -18.23 -10.30 30.35
C SER A 436 -19.42 -10.36 29.39
N THR A 437 -19.16 -10.63 28.11
CA THR A 437 -20.27 -10.75 27.16
C THR A 437 -21.25 -11.82 27.59
N CYS A 438 -20.79 -12.83 28.33
CA CYS A 438 -21.64 -13.90 28.82
C CYS A 438 -21.96 -13.80 30.31
N LEU A 439 -21.08 -13.18 31.10
CA LEU A 439 -21.31 -13.08 32.54
C LEU A 439 -22.43 -12.09 32.84
N LEU A 440 -22.26 -10.83 32.43
CA LEU A 440 -23.26 -9.80 32.68
C LEU A 440 -24.35 -9.81 31.61
N SER A 441 -23.95 -9.77 30.34
CA SER A 441 -24.87 -9.79 29.21
C SER A 441 -25.77 -8.56 29.13
N ARG A 442 -25.45 -7.53 29.90
CA ARG A 442 -26.23 -6.29 29.90
C ARG A 442 -25.38 -5.06 29.63
N PHE A 443 -24.15 -5.01 30.14
CA PHE A 443 -23.23 -3.92 29.89
C PHE A 443 -22.08 -4.33 28.97
N SER A 444 -22.22 -5.47 28.28
CA SER A 444 -21.13 -5.95 27.42
C SER A 444 -20.83 -4.96 26.31
N VAL A 445 -21.87 -4.41 25.68
CA VAL A 445 -21.66 -3.42 24.63
C VAL A 445 -20.97 -2.18 25.21
N GLY A 446 -21.46 -1.70 26.35
CA GLY A 446 -20.81 -0.58 27.00
C GLY A 446 -19.40 -0.92 27.47
N ILE A 447 -19.20 -2.16 27.90
CA ILE A 447 -17.86 -2.59 28.32
C ILE A 447 -16.89 -2.50 27.15
N PHE A 448 -17.31 -3.00 25.98
CA PHE A 448 -16.47 -2.92 24.79
C PHE A 448 -16.22 -1.47 24.40
N HIS A 449 -17.27 -0.64 24.44
CA HIS A 449 -17.13 0.75 24.05
C HIS A 449 -16.13 1.49 24.95
N LEU A 450 -16.21 1.26 26.26
CA LEU A 450 -15.28 1.92 27.17
C LEU A 450 -13.88 1.31 27.08
N MET A 451 -13.78 0.02 26.78
CA MET A 451 -12.47 -0.59 26.59
C MET A 451 -11.76 -0.01 25.39
N GLN A 452 -12.52 0.29 24.33
CA GLN A 452 -11.92 0.86 23.12
C GLN A 452 -11.16 2.15 23.42
N ILE A 453 -11.58 2.88 24.45
CA ILE A 453 -10.94 4.15 24.81
C ILE A 453 -9.96 3.92 25.96
N ALA A 454 -10.19 2.89 26.76
CA ALA A 454 -9.32 2.62 27.89
C ALA A 454 -7.97 2.06 27.43
N VAL A 455 -7.99 1.12 26.49
CA VAL A 455 -6.74 0.47 26.09
C VAL A 455 -5.71 1.47 25.57
N PRO A 456 -6.05 2.42 24.69
CA PRO A 456 -5.06 3.41 24.28
C PRO A 456 -4.49 4.20 25.46
N CYS A 457 -5.32 4.55 26.44
CA CYS A 457 -4.83 5.26 27.61
C CYS A 457 -3.83 4.42 28.38
N ALA A 458 -4.12 3.13 28.57
CA ALA A 458 -3.18 2.25 29.26
C ALA A 458 -1.88 2.13 28.48
N PHE A 459 -1.96 2.02 27.16
CA PHE A 459 -0.75 1.93 26.36
C PHE A 459 0.09 3.20 26.48
N LEU A 460 -0.56 4.37 26.46
CA LEU A 460 0.17 5.63 26.59
C LEU A 460 0.85 5.71 27.94
N LEU A 461 0.15 5.33 29.01
CA LEU A 461 0.69 5.33 30.36
C LEU A 461 1.23 3.96 30.77
N LEU A 462 1.66 3.15 29.81
CA LEU A 462 2.08 1.79 30.13
C LEU A 462 3.29 1.78 31.05
N ARG A 463 4.21 2.73 30.87
CA ARG A 463 5.38 2.79 31.72
C ARG A 463 4.99 3.07 33.18
N LEU A 464 4.18 4.11 33.40
CA LEU A 464 3.76 4.45 34.75
C LEU A 464 2.87 3.35 35.34
N LEU A 465 1.99 2.78 34.53
CA LEU A 465 1.13 1.69 35.02
C LEU A 465 1.96 0.49 35.43
N VAL A 466 2.99 0.14 34.64
CA VAL A 466 3.85 -0.97 34.98
C VAL A 466 4.63 -0.68 36.26
N GLY A 467 5.11 0.56 36.41
CA GLY A 467 5.79 0.92 37.64
C GLY A 467 4.89 0.79 38.85
N LEU A 468 3.65 1.28 38.74
CA LEU A 468 2.71 1.16 39.84
C LEU A 468 2.39 -0.31 40.15
N ALA A 469 2.24 -1.13 39.10
CA ALA A 469 1.98 -2.55 39.31
C ALA A 469 3.14 -3.22 40.02
N LEU A 470 4.38 -2.87 39.64
CA LEU A 470 5.55 -3.40 40.34
C LEU A 470 5.55 -2.97 41.80
N ALA A 471 5.26 -1.69 42.05
CA ALA A 471 5.30 -1.18 43.42
C ALA A 471 4.27 -1.86 44.30
N THR A 472 3.06 -2.06 43.78
CA THR A 472 1.99 -2.62 44.60
C THR A 472 2.18 -4.12 44.81
N LEU A 473 2.67 -4.98 43.61
CA LEU A 473 2.89 -6.42 43.70
C LEU A 473 4.09 -6.76 44.57
N ARG A 474 5.12 -5.92 44.56
CA ARG A 474 6.35 -6.21 45.27
C ARG A 474 6.10 -6.32 46.78
N VAL A 475 5.44 -5.30 47.35
CA VAL A 475 5.22 -5.26 48.79
C VAL A 475 3.85 -5.80 49.19
N LEU A 476 3.06 -6.28 48.24
CA LEU A 476 1.74 -6.83 48.54
C LEU A 476 1.86 -8.00 49.51
N ILE B 30 15.51 5.42 24.47
CA ILE B 30 15.99 5.68 23.13
C ILE B 30 15.61 4.53 22.21
N GLN B 31 15.07 4.87 21.04
CA GLN B 31 14.63 3.87 20.07
C GLN B 31 14.91 4.39 18.67
N CYS B 32 15.17 3.46 17.75
CA CYS B 32 15.38 3.82 16.35
C CYS B 32 14.05 4.15 15.69
N SER B 33 14.08 5.12 14.77
CA SER B 33 12.89 5.61 14.10
C SER B 33 12.73 5.10 12.67
N GLN B 34 13.64 4.24 12.20
CA GLN B 34 13.57 3.78 10.81
C GLN B 34 12.24 3.09 10.53
N ARG B 35 11.87 2.13 11.37
CA ARG B 35 10.61 1.40 11.16
C ARG B 35 9.42 2.35 11.28
N MET B 36 9.44 3.23 12.27
CA MET B 36 8.32 4.16 12.46
C MET B 36 8.18 5.09 11.26
N LEU B 37 9.28 5.63 10.77
CA LEU B 37 9.22 6.51 9.61
C LEU B 37 8.78 5.75 8.37
N SER B 38 9.21 4.50 8.21
CA SER B 38 8.75 3.70 7.08
C SER B 38 7.24 3.48 7.14
N PHE B 39 6.72 3.18 8.33
CA PHE B 39 5.27 3.01 8.46
C PHE B 39 4.53 4.31 8.16
N SER B 40 5.05 5.43 8.65
CA SER B 40 4.42 6.72 8.36
C SER B 40 4.42 7.01 6.86
N ASP B 41 5.54 6.70 6.19
CA ASP B 41 5.61 6.91 4.75
C ASP B 41 4.59 6.03 4.03
N ALA B 42 4.46 4.78 4.45
CA ALA B 42 3.49 3.89 3.82
C ALA B 42 2.07 4.42 4.01
N LEU B 43 1.73 4.87 5.22
CA LEU B 43 0.40 5.42 5.46
C LEU B 43 0.16 6.66 4.60
N LEU B 44 1.14 7.55 4.53
CA LEU B 44 0.98 8.78 3.76
C LEU B 44 0.82 8.46 2.27
N SER B 45 1.59 7.49 1.77
CA SER B 45 1.45 7.10 0.37
C SER B 45 0.07 6.51 0.09
N ILE B 46 -0.43 5.68 1.01
CA ILE B 46 -1.76 5.12 0.84
C ILE B 46 -2.80 6.23 0.80
N ILE B 47 -2.69 7.19 1.73
CA ILE B 47 -3.68 8.26 1.79
C ILE B 47 -3.64 9.13 0.53
N ALA B 48 -2.43 9.45 0.07
CA ALA B 48 -2.30 10.36 -1.07
C ALA B 48 -2.96 9.80 -2.32
N THR B 49 -3.02 8.46 -2.44
CA THR B 49 -3.49 7.81 -3.66
C THR B 49 -4.90 7.25 -3.50
N VAL B 50 -5.78 7.97 -2.82
CA VAL B 50 -7.15 7.48 -2.62
C VAL B 50 -8.08 7.98 -3.72
N MET B 51 -8.02 9.29 -4.02
CA MET B 51 -8.95 9.87 -4.97
C MET B 51 -8.75 9.37 -6.40
N ILE B 52 -7.65 8.67 -6.67
CA ILE B 52 -7.50 8.05 -7.98
C ILE B 52 -8.53 6.94 -8.17
N LEU B 53 -8.98 6.32 -7.08
CA LEU B 53 -9.86 5.16 -7.21
C LEU B 53 -11.13 5.48 -7.97
N PRO B 54 -11.89 6.54 -7.66
CA PRO B 54 -13.03 6.88 -8.52
C PRO B 54 -12.65 7.10 -9.98
N VAL B 55 -11.50 7.73 -10.23
CA VAL B 55 -11.12 8.06 -11.59
C VAL B 55 -11.01 6.81 -12.44
N THR B 56 -10.37 5.77 -11.90
CA THR B 56 -10.26 4.50 -12.62
C THR B 56 -11.59 3.75 -12.65
N HIS B 57 -12.50 4.05 -11.73
CA HIS B 57 -13.79 3.38 -11.67
C HIS B 57 -14.86 4.07 -12.50
N THR B 58 -14.55 5.20 -13.12
CA THR B 58 -15.52 5.88 -13.97
C THR B 58 -15.86 5.01 -15.17
N GLU B 59 -17.12 5.05 -15.58
CA GLU B 59 -17.56 4.25 -16.71
C GLU B 59 -16.73 4.57 -17.95
N ILE B 60 -16.36 3.53 -18.69
CA ILE B 60 -15.47 3.71 -19.83
C ILE B 60 -16.13 4.55 -20.90
N SER B 61 -17.28 4.11 -21.41
CA SER B 61 -18.01 4.82 -22.45
C SER B 61 -19.49 4.82 -22.10
N PRO B 62 -20.17 5.98 -22.17
CA PRO B 62 -21.60 5.99 -21.87
C PRO B 62 -22.43 5.13 -22.80
N GLU B 63 -22.02 5.01 -24.06
CA GLU B 63 -22.73 4.30 -25.13
C GLU B 63 -24.00 5.02 -25.58
N GLN B 64 -24.32 6.18 -24.99
CA GLN B 64 -25.48 6.96 -25.38
C GLN B 64 -25.08 8.38 -25.77
N GLN B 65 -23.88 8.53 -26.34
CA GLN B 65 -23.32 9.82 -26.76
C GLN B 65 -23.66 10.93 -25.76
N PHE B 66 -23.42 10.63 -24.48
CA PHE B 66 -23.53 11.61 -23.40
C PHE B 66 -22.16 12.12 -22.98
N ASP B 67 -21.26 12.31 -23.95
CA ASP B 67 -19.87 12.62 -23.65
C ASP B 67 -19.72 13.84 -22.76
N ARG B 68 -20.64 14.80 -22.85
CA ARG B 68 -20.47 16.06 -22.12
C ARG B 68 -20.37 15.82 -20.62
N SER B 69 -21.43 15.27 -20.02
CA SER B 69 -21.47 15.11 -18.57
C SER B 69 -20.37 14.17 -18.09
N VAL B 70 -20.13 13.08 -18.82
CA VAL B 70 -19.10 12.12 -18.40
C VAL B 70 -17.73 12.79 -18.41
N GLN B 71 -17.43 13.56 -19.45
CA GLN B 71 -16.14 14.24 -19.53
C GLN B 71 -15.99 15.28 -18.42
N ARG B 72 -17.06 16.04 -18.14
CA ARG B 72 -16.99 17.01 -17.06
C ARG B 72 -16.74 16.32 -15.72
N LEU B 73 -17.44 15.22 -15.46
CA LEU B 73 -17.23 14.50 -14.21
C LEU B 73 -15.81 13.96 -14.11
N LEU B 74 -15.29 13.40 -15.22
CA LEU B 74 -13.94 12.88 -15.21
C LEU B 74 -12.92 13.98 -14.95
N ALA B 75 -13.10 15.13 -15.60
CA ALA B 75 -12.17 16.25 -15.39
C ALA B 75 -12.22 16.73 -13.95
N THR B 76 -13.42 16.85 -13.37
CA THR B 76 -13.53 17.28 -11.98
C THR B 76 -12.84 16.28 -11.06
N ARG B 77 -13.05 14.98 -11.29
CA ARG B 77 -12.40 13.98 -10.46
C ARG B 77 -10.88 14.04 -10.58
N ILE B 78 -10.38 14.23 -11.81
CA ILE B 78 -8.93 14.32 -12.00
C ILE B 78 -8.36 15.53 -11.27
N ALA B 79 -9.03 16.67 -11.38
CA ALA B 79 -8.55 17.87 -10.70
C ALA B 79 -8.56 17.67 -9.19
N VAL B 80 -9.62 17.07 -8.65
CA VAL B 80 -9.70 16.82 -7.22
C VAL B 80 -8.55 15.90 -6.80
N TYR B 81 -8.30 14.85 -7.58
CA TYR B 81 -7.22 13.92 -7.26
C TYR B 81 -5.87 14.61 -7.24
N LEU B 82 -5.60 15.45 -8.25
CA LEU B 82 -4.33 16.17 -8.29
C LEU B 82 -4.19 17.07 -7.07
N MET B 83 -5.25 17.79 -6.72
CA MET B 83 -5.18 18.70 -5.58
C MET B 83 -4.91 17.94 -4.29
N THR B 84 -5.64 16.85 -4.06
CA THR B 84 -5.44 16.10 -2.82
C THR B 84 -4.03 15.50 -2.78
N PHE B 85 -3.55 15.01 -3.92
CA PHE B 85 -2.20 14.45 -3.94
C PHE B 85 -1.16 15.52 -3.58
N LEU B 86 -1.31 16.72 -4.13
CA LEU B 86 -0.36 17.79 -3.81
C LEU B 86 -0.45 18.16 -2.33
N ILE B 87 -1.66 18.23 -1.78
CA ILE B 87 -1.81 18.61 -0.37
C ILE B 87 -1.19 17.54 0.53
N VAL B 88 -1.44 16.27 0.24
CA VAL B 88 -0.85 15.20 1.03
C VAL B 88 0.66 15.19 0.88
N THR B 89 1.18 15.52 -0.31
CA THR B 89 2.62 15.63 -0.48
C THR B 89 3.20 16.72 0.40
N VAL B 90 2.52 17.86 0.47
CA VAL B 90 2.97 18.95 1.34
C VAL B 90 2.99 18.48 2.79
N ALA B 91 1.92 17.80 3.21
CA ALA B 91 1.86 17.30 4.58
C ALA B 91 2.98 16.30 4.86
N TRP B 92 3.26 15.42 3.88
CA TRP B 92 4.34 14.45 4.04
C TRP B 92 5.68 15.13 4.16
N ALA B 93 5.91 16.18 3.37
CA ALA B 93 7.16 16.93 3.48
C ALA B 93 7.28 17.58 4.85
N ALA B 94 6.19 18.16 5.35
CA ALA B 94 6.21 18.76 6.68
C ALA B 94 6.54 17.72 7.74
N HIS B 95 5.92 16.53 7.66
CA HIS B 95 6.21 15.46 8.61
C HIS B 95 7.66 15.02 8.50
N THR B 96 8.18 14.93 7.27
CA THR B 96 9.57 14.53 7.09
C THR B 96 10.52 15.53 7.75
N ARG B 97 10.26 16.82 7.56
CA ARG B 97 11.10 17.82 8.24
C ARG B 97 10.97 17.72 9.75
N LEU B 98 9.75 17.53 10.25
CA LEU B 98 9.52 17.48 11.69
C LEU B 98 10.29 16.31 12.31
N PHE B 99 10.26 15.16 11.67
CA PHE B 99 10.98 14.00 12.18
C PHE B 99 12.46 14.01 11.80
N GLN B 100 12.87 14.87 10.88
CA GLN B 100 14.29 15.10 10.64
C GLN B 100 14.91 15.91 11.77
N VAL B 101 14.20 16.93 12.26
CA VAL B 101 14.70 17.68 13.40
C VAL B 101 14.59 16.89 14.70
N VAL B 102 13.91 15.74 14.69
CA VAL B 102 13.81 14.85 15.84
C VAL B 102 14.55 13.57 15.48
N GLY B 103 15.78 13.43 15.98
CA GLY B 103 16.59 12.29 15.58
C GLY B 103 16.05 10.96 16.06
N LYS B 104 15.63 10.90 17.32
CA LYS B 104 15.23 9.66 17.97
C LYS B 104 13.74 9.65 18.25
N THR B 105 13.24 8.47 18.63
CA THR B 105 11.82 8.25 18.88
C THR B 105 11.64 7.53 20.20
N ASP B 106 10.37 7.40 20.60
CA ASP B 106 10.00 6.72 21.84
C ASP B 106 8.55 6.30 21.73
N ASP B 107 8.07 5.60 22.76
CA ASP B 107 6.70 5.11 22.76
C ASP B 107 5.70 6.26 22.69
N THR B 108 5.91 7.31 23.49
CA THR B 108 5.03 8.46 23.44
C THR B 108 5.09 9.13 22.08
N LEU B 109 6.29 9.28 21.52
CA LEU B 109 6.43 9.84 20.18
C LEU B 109 5.76 8.95 19.15
N ALA B 110 5.84 7.63 19.31
CA ALA B 110 5.16 6.74 18.38
C ALA B 110 3.64 6.92 18.43
N LEU B 111 3.08 7.03 19.64
CA LEU B 111 1.65 7.26 19.76
C LEU B 111 1.24 8.59 19.16
N LEU B 112 2.05 9.63 19.38
CA LEU B 112 1.75 10.94 18.81
C LEU B 112 1.84 10.89 17.28
N ASN B 113 2.80 10.15 16.74
CA ASN B 113 2.90 9.98 15.30
C ASN B 113 1.68 9.26 14.74
N LEU B 114 1.21 8.22 15.45
CA LEU B 114 0.00 7.54 15.02
C LEU B 114 -1.19 8.49 15.02
N ALA B 115 -1.31 9.32 16.06
CA ALA B 115 -2.39 10.29 16.10
C ALA B 115 -2.29 11.28 14.95
N CYS B 116 -1.07 11.75 14.66
CA CYS B 116 -0.88 12.69 13.55
C CYS B 116 -1.27 12.06 12.22
N MET B 117 -0.89 10.80 12.01
CA MET B 117 -1.31 10.10 10.80
C MET B 117 -2.82 9.99 10.73
N MET B 118 -3.46 9.70 11.87
CA MET B 118 -4.92 9.60 11.89
C MET B 118 -5.55 10.93 11.49
N THR B 119 -5.04 12.04 12.03
CA THR B 119 -5.58 13.35 11.66
C THR B 119 -5.35 13.64 10.18
N ILE B 120 -4.15 13.31 9.67
CA ILE B 120 -3.84 13.58 8.28
C ILE B 120 -4.74 12.77 7.35
N THR B 121 -5.12 11.56 7.76
CA THR B 121 -5.89 10.68 6.89
C THR B 121 -7.23 11.29 6.47
N PHE B 122 -7.74 12.27 7.22
CA PHE B 122 -9.04 12.85 6.91
C PHE B 122 -8.98 13.93 5.83
N LEU B 123 -7.78 14.30 5.36
CA LEU B 123 -7.66 15.39 4.41
C LEU B 123 -8.39 15.13 3.10
N PRO B 124 -8.24 13.95 2.45
CA PRO B 124 -8.91 13.77 1.15
C PRO B 124 -10.43 13.90 1.23
N TYR B 125 -11.06 13.29 2.22
CA TYR B 125 -12.51 13.37 2.34
C TYR B 125 -12.98 14.79 2.56
N THR B 126 -12.27 15.53 3.43
CA THR B 126 -12.65 16.92 3.69
C THR B 126 -12.48 17.78 2.45
N PHE B 127 -11.39 17.57 1.70
CA PHE B 127 -11.20 18.34 0.47
C PHE B 127 -12.29 18.02 -0.55
N SER B 128 -12.67 16.75 -0.67
CA SER B 128 -13.76 16.39 -1.58
C SER B 128 -15.06 17.04 -1.15
N LEU B 129 -15.36 17.01 0.15
CA LEU B 129 -16.58 17.65 0.65
C LEU B 129 -16.57 19.14 0.33
N MET B 130 -15.42 19.79 0.49
CA MET B 130 -15.30 21.19 0.12
C MET B 130 -15.58 21.40 -1.36
N VAL B 131 -14.98 20.57 -2.22
CA VAL B 131 -15.05 20.80 -3.66
C VAL B 131 -16.47 20.58 -4.18
N THR B 132 -17.08 19.45 -3.82
CA THR B 132 -18.41 19.16 -4.38
C THR B 132 -19.47 20.12 -3.84
N PHE B 133 -19.32 20.57 -2.59
CA PHE B 133 -20.29 21.44 -1.93
C PHE B 133 -19.58 22.71 -1.50
N PRO B 134 -19.31 23.62 -2.44
CA PRO B 134 -18.61 24.87 -2.09
C PRO B 134 -19.54 25.92 -1.49
N ASP B 135 -20.82 25.88 -1.89
CA ASP B 135 -21.76 26.90 -1.43
C ASP B 135 -21.90 26.90 0.08
N VAL B 136 -22.01 25.72 0.68
CA VAL B 136 -22.17 25.59 2.13
C VAL B 136 -20.89 26.05 2.82
N PRO B 137 -20.97 26.67 4.00
CA PRO B 137 -19.75 27.08 4.72
C PRO B 137 -19.19 26.03 5.66
N LEU B 138 -19.64 24.78 5.59
CA LEU B 138 -19.25 23.74 6.53
C LEU B 138 -18.02 22.96 6.10
N GLY B 139 -17.87 22.67 4.81
CA GLY B 139 -16.70 21.94 4.34
C GLY B 139 -15.41 22.69 4.62
N ILE B 140 -15.40 24.00 4.37
CA ILE B 140 -14.21 24.79 4.65
C ILE B 140 -13.92 24.81 6.14
N PHE B 141 -14.96 24.85 6.97
CA PHE B 141 -14.76 24.79 8.42
C PHE B 141 -14.11 23.47 8.81
N LEU B 142 -14.59 22.35 8.25
CA LEU B 142 -14.01 21.06 8.57
C LEU B 142 -12.55 20.99 8.11
N PHE B 143 -12.26 21.53 6.93
CA PHE B 143 -10.88 21.51 6.43
C PHE B 143 -9.97 22.32 7.34
N CYS B 144 -10.43 23.51 7.76
CA CYS B 144 -9.62 24.33 8.66
C CYS B 144 -9.42 23.62 9.99
N VAL B 145 -10.47 22.97 10.50
CA VAL B 145 -10.34 22.23 11.76
C VAL B 145 -9.32 21.13 11.63
N CYS B 146 -9.34 20.39 10.52
CA CYS B 146 -8.38 19.30 10.32
C CYS B 146 -6.96 19.83 10.22
N VAL B 147 -6.76 20.92 9.48
CA VAL B 147 -5.41 21.48 9.36
C VAL B 147 -4.91 21.95 10.72
N ILE B 148 -5.78 22.60 11.50
CA ILE B 148 -5.40 23.06 12.83
C ILE B 148 -5.08 21.87 13.72
N ALA B 149 -5.82 20.77 13.57
CA ALA B 149 -5.54 19.58 14.36
C ALA B 149 -4.18 19.00 14.02
N ILE B 150 -3.84 18.93 12.73
CA ILE B 150 -2.51 18.46 12.34
C ILE B 150 -1.44 19.35 12.93
N GLY B 151 -1.64 20.66 12.83
CA GLY B 151 -0.69 21.59 13.43
C GLY B 151 -0.53 21.38 14.92
N VAL B 152 -1.64 21.13 15.62
CA VAL B 152 -1.58 20.91 17.06
C VAL B 152 -0.81 19.64 17.39
N VAL B 153 -1.04 18.56 16.63
CA VAL B 153 -0.32 17.32 16.89
C VAL B 153 1.17 17.53 16.65
N GLN B 154 1.53 18.22 15.57
CA GLN B 154 2.94 18.48 15.31
C GLN B 154 3.56 19.33 16.41
N ALA B 155 2.82 20.35 16.88
CA ALA B 155 3.32 21.18 17.97
C ALA B 155 3.54 20.38 19.23
N LEU B 156 2.60 19.48 19.55
CA LEU B 156 2.76 18.63 20.73
C LEU B 156 3.97 17.72 20.58
N ILE B 157 4.17 17.16 19.39
CA ILE B 157 5.31 16.28 19.16
C ILE B 157 6.62 17.04 19.38
N VAL B 158 6.74 18.23 18.78
CA VAL B 158 7.97 18.99 18.90
C VAL B 158 8.19 19.44 20.34
N GLY B 159 7.11 19.81 21.03
CA GLY B 159 7.26 20.21 22.42
C GLY B 159 7.72 19.07 23.30
N TYR B 160 7.15 17.87 23.11
CA TYR B 160 7.59 16.71 23.87
C TYR B 160 9.04 16.39 23.57
N ALA B 161 9.44 16.47 22.30
CA ALA B 161 10.83 16.22 21.94
C ALA B 161 11.77 17.22 22.61
N PHE B 162 11.38 18.51 22.61
CA PHE B 162 12.24 19.53 23.21
C PHE B 162 12.32 19.37 24.72
N HIS B 163 11.22 18.96 25.36
CA HIS B 163 11.23 18.81 26.81
C HIS B 163 12.26 17.78 27.25
N PHE B 164 12.60 16.84 26.37
CA PHE B 164 13.61 15.81 26.66
C PHE B 164 14.78 15.98 25.71
N PRO B 165 15.87 16.62 26.14
CA PRO B 165 16.94 16.93 25.17
C PRO B 165 17.57 15.71 24.52
N HIS B 166 17.67 14.59 25.23
CA HIS B 166 18.37 13.42 24.69
C HIS B 166 17.63 12.81 23.50
N LEU B 167 16.38 13.17 23.27
CA LEU B 167 15.60 12.64 22.16
C LEU B 167 15.72 13.50 20.90
N LEU B 168 16.45 14.60 20.96
CA LEU B 168 16.60 15.49 19.82
C LEU B 168 17.79 15.08 18.96
N SER B 169 17.89 15.70 17.78
CA SER B 169 19.00 15.42 16.89
C SER B 169 20.33 15.85 17.53
N PRO B 170 21.41 15.09 17.33
CA PRO B 170 22.68 15.48 17.98
C PRO B 170 23.16 16.87 17.59
N GLN B 171 22.98 17.28 16.34
CA GLN B 171 23.47 18.58 15.90
C GLN B 171 22.72 19.71 16.60
N ILE B 172 21.39 19.67 16.56
CA ILE B 172 20.61 20.72 17.20
C ILE B 172 20.71 20.63 18.72
N GLN B 173 20.71 19.43 19.27
CA GLN B 173 20.80 19.24 20.72
C GLN B 173 22.17 19.67 21.22
N GLU B 254 18.61 23.30 2.74
CA GLU B 254 17.44 22.58 3.23
C GLU B 254 17.33 21.22 2.56
N PRO B 255 18.31 20.35 2.82
CA PRO B 255 18.29 19.01 2.22
C PRO B 255 17.20 18.13 2.80
N LEU B 256 16.78 17.16 1.99
CA LEU B 256 15.78 16.19 2.38
C LEU B 256 16.46 14.88 2.77
N SER B 257 15.65 13.86 3.05
CA SER B 257 16.15 12.54 3.43
C SER B 257 15.92 11.57 2.28
N LYS B 258 16.97 10.85 1.90
CA LYS B 258 16.86 9.90 0.79
C LYS B 258 15.89 8.77 1.14
N GLU B 259 15.96 8.27 2.37
CA GLU B 259 15.14 7.12 2.74
C GLU B 259 13.65 7.44 2.66
N ARG B 260 13.24 8.60 3.16
CA ARG B 260 11.83 8.96 3.14
C ARG B 260 11.32 9.09 1.71
N VAL B 261 12.08 9.77 0.86
CA VAL B 261 11.66 9.95 -0.53
C VAL B 261 11.58 8.59 -1.22
N GLU B 262 12.57 7.73 -1.00
CA GLU B 262 12.58 6.42 -1.63
C GLU B 262 11.36 5.60 -1.20
N ALA B 263 11.06 5.61 0.10
CA ALA B 263 9.92 4.84 0.60
C ALA B 263 8.62 5.37 0.02
N PHE B 264 8.45 6.69 -0.01
CA PHE B 264 7.23 7.27 -0.56
C PHE B 264 7.08 6.91 -2.03
N SER B 265 8.17 7.01 -2.80
CA SER B 265 8.11 6.69 -4.21
C SER B 265 7.76 5.22 -4.43
N ASP B 266 8.39 4.33 -3.65
CA ASP B 266 8.08 2.91 -3.78
C ASP B 266 6.62 2.63 -3.46
N GLY B 267 6.10 3.24 -2.39
CA GLY B 267 4.70 3.04 -2.05
C GLY B 267 3.77 3.52 -3.14
N VAL B 268 4.04 4.72 -3.68
CA VAL B 268 3.18 5.26 -4.73
C VAL B 268 3.22 4.38 -5.97
N TYR B 269 4.42 3.94 -6.37
CA TYR B 269 4.54 3.10 -7.55
C TYR B 269 3.82 1.77 -7.35
N ALA B 270 3.97 1.16 -6.17
CA ALA B 270 3.31 -0.11 -5.90
C ALA B 270 1.79 0.06 -5.94
N ILE B 271 1.28 1.14 -5.35
CA ILE B 271 -0.16 1.36 -5.36
C ILE B 271 -0.66 1.55 -6.79
N VAL B 272 0.05 2.35 -7.59
CA VAL B 272 -0.40 2.65 -8.94
C VAL B 272 -0.36 1.40 -9.80
N ALA B 273 0.70 0.60 -9.69
CA ALA B 273 0.89 -0.53 -10.59
C ALA B 273 -0.22 -1.57 -10.43
N THR B 274 -0.64 -1.84 -9.20
CA THR B 274 -1.54 -2.94 -8.90
C THR B 274 -3.01 -2.53 -8.81
N LEU B 275 -3.34 -1.30 -9.22
CA LEU B 275 -4.72 -0.85 -9.13
C LEU B 275 -5.63 -1.65 -10.05
N LEU B 276 -5.21 -1.86 -11.30
CA LEU B 276 -6.06 -2.53 -12.26
C LEU B 276 -6.32 -3.98 -11.86
N ILE B 277 -5.30 -4.69 -11.38
CA ILE B 277 -5.50 -6.06 -10.93
C ILE B 277 -6.41 -6.09 -9.71
N LEU B 278 -6.28 -5.10 -8.82
CA LEU B 278 -7.17 -5.02 -7.67
C LEU B 278 -8.62 -4.90 -8.14
N ASP B 279 -8.87 -4.01 -9.10
CA ASP B 279 -10.24 -3.85 -9.61
C ASP B 279 -10.72 -5.12 -10.28
N ILE B 280 -9.86 -5.79 -11.04
CA ILE B 280 -10.25 -7.00 -11.74
C ILE B 280 -10.65 -8.07 -10.74
N CYS B 281 -9.84 -8.27 -9.70
CA CYS B 281 -10.19 -9.23 -8.66
C CYS B 281 -11.46 -8.81 -7.94
N GLU B 282 -11.71 -7.51 -7.82
CA GLU B 282 -12.88 -7.03 -7.09
C GLU B 282 -14.16 -7.33 -7.83
N ASP B 283 -14.20 -7.02 -9.14
CA ASP B 283 -15.46 -7.00 -9.87
C ASP B 283 -15.50 -7.87 -11.11
N ASN B 284 -14.39 -8.45 -11.54
CA ASN B 284 -14.32 -9.16 -12.83
C ASN B 284 -14.30 -10.68 -12.65
N VAL B 285 -15.05 -11.19 -11.69
CA VAL B 285 -15.19 -12.63 -11.48
C VAL B 285 -16.51 -13.07 -12.13
N PRO B 286 -16.47 -13.94 -13.15
CA PRO B 286 -17.73 -14.33 -13.80
C PRO B 286 -18.70 -14.99 -12.84
N ASP B 287 -20.01 -14.75 -13.08
CA ASP B 287 -21.07 -15.33 -12.27
C ASP B 287 -21.52 -16.66 -12.86
N PRO B 288 -21.93 -17.63 -12.03
CA PRO B 288 -22.32 -18.94 -12.57
C PRO B 288 -23.46 -18.87 -13.57
N LYS B 289 -24.62 -18.33 -13.13
CA LYS B 289 -25.78 -18.32 -14.01
C LYS B 289 -25.60 -17.38 -15.19
N ASP B 290 -24.84 -16.30 -15.01
CA ASP B 290 -24.55 -15.41 -16.13
C ASP B 290 -23.80 -16.16 -17.22
N VAL B 291 -22.79 -16.95 -16.84
CA VAL B 291 -22.07 -17.76 -17.81
C VAL B 291 -23.00 -18.81 -18.41
N LYS B 292 -23.85 -19.40 -17.58
CA LYS B 292 -24.74 -20.46 -18.06
C LYS B 292 -25.68 -19.94 -19.14
N GLU B 293 -26.25 -18.75 -18.95
CA GLU B 293 -27.29 -18.26 -19.83
C GLU B 293 -26.75 -17.39 -20.97
N ARG B 294 -25.95 -16.38 -20.64
CA ARG B 294 -25.51 -15.42 -21.66
C ARG B 294 -24.49 -16.05 -22.60
N PHE B 295 -23.50 -16.75 -22.05
CA PHE B 295 -22.37 -17.25 -22.81
C PHE B 295 -22.46 -18.76 -23.06
N SER B 296 -23.68 -19.30 -23.03
CA SER B 296 -23.91 -20.72 -23.32
C SER B 296 -23.11 -21.62 -22.37
N GLY B 297 -22.92 -21.16 -21.13
CA GLY B 297 -22.22 -21.95 -20.14
C GLY B 297 -20.79 -22.29 -20.53
N SER B 298 -20.05 -21.30 -21.03
CA SER B 298 -18.66 -21.49 -21.42
C SER B 298 -17.81 -20.44 -20.73
N LEU B 299 -16.80 -20.89 -19.98
CA LEU B 299 -15.92 -19.98 -19.26
C LEU B 299 -14.91 -19.31 -20.18
N VAL B 300 -14.47 -20.02 -21.23
CA VAL B 300 -13.49 -19.45 -22.15
C VAL B 300 -14.05 -18.21 -22.82
N ALA B 301 -15.35 -18.22 -23.12
CA ALA B 301 -15.98 -17.04 -23.70
C ALA B 301 -15.90 -15.85 -22.75
N ALA B 302 -16.16 -16.09 -21.46
CA ALA B 302 -16.08 -15.01 -20.48
C ALA B 302 -14.65 -14.48 -20.37
N LEU B 303 -13.66 -15.39 -20.37
CA LEU B 303 -12.27 -14.94 -20.30
C LEU B 303 -11.89 -14.13 -21.53
N SER B 304 -12.34 -14.55 -22.71
CA SER B 304 -12.07 -13.79 -23.92
C SER B 304 -12.73 -12.41 -23.85
N ALA B 305 -13.95 -12.34 -23.32
CA ALA B 305 -14.62 -11.05 -23.18
C ALA B 305 -13.87 -10.14 -22.22
N THR B 306 -13.36 -10.69 -21.13
CA THR B 306 -12.67 -9.89 -20.12
C THR B 306 -11.19 -9.67 -20.43
N GLY B 307 -10.67 -10.27 -21.51
CA GLY B 307 -9.27 -10.12 -21.86
C GLY B 307 -8.77 -8.69 -21.98
N PRO B 308 -9.55 -7.76 -22.54
CA PRO B 308 -9.03 -6.40 -22.69
C PRO B 308 -8.56 -5.77 -21.39
N ARG B 309 -9.27 -6.04 -20.29
CA ARG B 309 -8.82 -5.54 -18.99
C ARG B 309 -7.48 -6.15 -18.61
N PHE B 310 -7.29 -7.44 -18.89
CA PHE B 310 -6.01 -8.08 -18.61
C PHE B 310 -4.90 -7.44 -19.43
N LEU B 311 -5.17 -7.14 -20.70
CA LEU B 311 -4.15 -6.48 -21.52
C LEU B 311 -3.82 -5.09 -20.99
N ALA B 312 -4.85 -4.35 -20.57
CA ALA B 312 -4.60 -3.03 -20.00
C ALA B 312 -3.76 -3.13 -18.73
N TYR B 313 -4.06 -4.10 -17.87
CA TYR B 313 -3.25 -4.29 -16.68
C TYR B 313 -1.82 -4.66 -17.03
N PHE B 314 -1.65 -5.54 -18.03
CA PHE B 314 -0.31 -5.89 -18.48
C PHE B 314 0.48 -4.64 -18.84
N GLY B 315 -0.10 -3.81 -19.70
CA GLY B 315 0.61 -2.63 -20.16
C GLY B 315 0.90 -1.67 -19.02
N SER B 316 -0.09 -1.41 -18.17
CA SER B 316 0.10 -0.47 -17.06
C SER B 316 1.18 -0.96 -16.11
N PHE B 317 1.14 -2.25 -15.75
CA PHE B 317 2.13 -2.80 -14.84
C PHE B 317 3.52 -2.72 -15.46
N ALA B 318 3.64 -3.07 -16.74
CA ALA B 318 4.96 -3.02 -17.37
C ALA B 318 5.51 -1.60 -17.36
N THR B 319 4.69 -0.62 -17.77
CA THR B 319 5.18 0.75 -17.84
C THR B 319 5.55 1.26 -16.45
N VAL B 320 4.71 1.00 -15.45
CA VAL B 320 4.99 1.49 -14.11
C VAL B 320 6.23 0.82 -13.54
N GLY B 321 6.41 -0.48 -13.81
CA GLY B 321 7.58 -1.17 -13.31
C GLY B 321 8.87 -0.65 -13.93
N LEU B 322 8.87 -0.42 -15.24
CA LEU B 322 10.06 0.15 -15.86
C LEU B 322 10.33 1.57 -15.37
N LEU B 323 9.29 2.38 -15.18
CA LEU B 323 9.49 3.71 -14.64
C LEU B 323 10.09 3.63 -13.23
N TRP B 324 9.60 2.72 -12.40
CA TRP B 324 10.14 2.56 -11.07
C TRP B 324 11.59 2.08 -11.10
N PHE B 325 11.91 1.21 -12.05
CA PHE B 325 13.30 0.75 -12.20
C PHE B 325 14.21 1.92 -12.54
N ALA B 326 13.78 2.78 -13.46
CA ALA B 326 14.58 3.96 -13.78
C ALA B 326 14.71 4.87 -12.56
N HIS B 327 13.62 5.05 -11.81
CA HIS B 327 13.65 5.87 -10.61
C HIS B 327 14.65 5.33 -9.60
N HIS B 328 14.64 4.01 -9.38
CA HIS B 328 15.56 3.41 -8.42
C HIS B 328 17.01 3.55 -8.88
N SER B 329 17.26 3.32 -10.17
CA SER B 329 18.61 3.46 -10.68
C SER B 329 19.11 4.89 -10.51
N LEU B 330 18.24 5.88 -10.79
CA LEU B 330 18.64 7.26 -10.63
C LEU B 330 18.90 7.62 -9.17
N PHE B 331 18.02 7.17 -8.26
CA PHE B 331 18.15 7.56 -6.87
C PHE B 331 19.25 6.79 -6.14
N LEU B 332 19.72 5.68 -6.70
CA LEU B 332 20.82 4.95 -6.08
C LEU B 332 22.08 5.79 -6.05
N HIS B 333 22.35 6.53 -7.14
CA HIS B 333 23.58 7.31 -7.27
C HIS B 333 23.43 8.74 -6.77
N VAL B 334 22.53 8.97 -5.82
CA VAL B 334 22.28 10.31 -5.28
C VAL B 334 22.70 10.32 -3.82
N ARG B 335 23.49 11.33 -3.45
CA ARG B 335 23.94 11.49 -2.06
C ARG B 335 23.01 12.42 -1.29
N LYS B 336 22.72 13.59 -1.84
CA LYS B 336 21.86 14.57 -1.19
C LYS B 336 20.67 14.88 -2.09
N ALA B 337 19.49 15.01 -1.49
CA ALA B 337 18.26 15.31 -2.21
C ALA B 337 17.80 16.71 -1.80
N THR B 338 17.73 17.61 -2.77
CA THR B 338 17.30 18.97 -2.51
C THR B 338 15.79 19.09 -2.64
N ARG B 339 15.26 20.23 -2.21
CA ARG B 339 13.81 20.45 -2.26
C ARG B 339 13.30 20.48 -3.69
N ALA B 340 14.07 21.03 -4.63
CA ALA B 340 13.64 21.05 -6.02
C ALA B 340 13.50 19.63 -6.56
N MET B 341 14.46 18.76 -6.24
CA MET B 341 14.36 17.37 -6.68
C MET B 341 13.14 16.70 -6.07
N GLY B 342 12.85 16.99 -4.80
CA GLY B 342 11.65 16.44 -4.18
C GLY B 342 10.38 16.90 -4.87
N LEU B 343 10.31 18.19 -5.20
CA LEU B 343 9.13 18.70 -5.89
C LEU B 343 8.97 18.05 -7.26
N LEU B 344 10.07 17.91 -8.00
CA LEU B 344 10.00 17.28 -9.31
C LEU B 344 9.58 15.81 -9.20
N ASN B 345 10.12 15.09 -8.20
CA ASN B 345 9.74 13.70 -8.00
C ASN B 345 8.26 13.59 -7.64
N THR B 346 7.76 14.49 -6.79
CA THR B 346 6.34 14.46 -6.43
C THR B 346 5.47 14.74 -7.65
N LEU B 347 5.87 15.69 -8.49
CA LEU B 347 5.11 15.95 -9.72
C LEU B 347 5.10 14.72 -10.62
N SER B 348 6.26 14.06 -10.76
CA SER B 348 6.33 12.86 -11.58
C SER B 348 5.42 11.77 -11.03
N LEU B 349 5.43 11.59 -9.70
CA LEU B 349 4.56 10.59 -9.09
C LEU B 349 3.09 10.92 -9.30
N ALA B 350 2.73 12.21 -9.17
CA ALA B 350 1.35 12.61 -9.38
C ALA B 350 0.91 12.33 -10.82
N PHE B 351 1.78 12.62 -11.79
CA PHE B 351 1.43 12.36 -13.19
C PHE B 351 1.50 10.87 -13.51
N VAL B 352 2.21 10.07 -12.71
CA VAL B 352 2.25 8.63 -12.93
C VAL B 352 0.89 8.00 -12.62
N GLY B 353 0.15 8.56 -11.67
CA GLY B 353 -1.13 7.98 -11.28
C GLY B 353 -2.15 7.93 -12.39
N GLY B 354 -1.94 8.69 -13.47
CA GLY B 354 -2.86 8.67 -14.59
C GLY B 354 -2.62 7.57 -15.60
N LEU B 355 -1.52 6.82 -15.46
CA LEU B 355 -1.24 5.76 -16.40
C LEU B 355 -2.31 4.68 -16.43
N PRO B 356 -2.81 4.18 -15.30
CA PRO B 356 -3.88 3.17 -15.37
C PRO B 356 -5.10 3.66 -16.14
N LEU B 357 -5.50 4.91 -15.92
CA LEU B 357 -6.65 5.44 -16.66
C LEU B 357 -6.36 5.51 -18.16
N ALA B 358 -5.16 5.97 -18.52
CA ALA B 358 -4.80 6.06 -19.93
C ALA B 358 -4.83 4.69 -20.59
N TYR B 359 -4.28 3.68 -19.91
CA TYR B 359 -4.26 2.34 -20.50
C TYR B 359 -5.66 1.74 -20.56
N GLN B 360 -6.49 2.01 -19.55
CA GLN B 360 -7.87 1.54 -19.59
C GLN B 360 -8.61 2.15 -20.77
N GLN B 361 -8.42 3.45 -21.01
CA GLN B 361 -9.06 4.09 -22.14
C GLN B 361 -8.53 3.56 -23.47
N THR B 362 -7.20 3.37 -23.57
CA THR B 362 -6.62 2.91 -24.83
C THR B 362 -7.07 1.50 -25.17
N SER B 363 -7.05 0.59 -24.18
CA SER B 363 -7.42 -0.79 -24.45
C SER B 363 -8.91 -0.92 -24.72
N ALA B 364 -9.72 0.00 -24.22
CA ALA B 364 -11.16 -0.05 -24.45
C ALA B 364 -11.45 0.10 -25.94
N PHE B 365 -12.48 -0.60 -26.40
CA PHE B 365 -12.87 -0.53 -27.80
C PHE B 365 -13.23 0.90 -28.18
N ALA B 366 -12.72 1.35 -29.32
CA ALA B 366 -12.97 2.71 -29.81
C ALA B 366 -14.08 2.67 -30.85
N ARG B 367 -15.04 3.58 -30.72
CA ARG B 367 -16.16 3.62 -31.66
C ARG B 367 -15.67 3.93 -33.07
N GLN B 368 -14.75 4.88 -33.21
CA GLN B 368 -14.21 5.30 -34.49
C GLN B 368 -12.69 5.37 -34.39
N PRO B 369 -11.98 5.26 -35.51
CA PRO B 369 -10.51 5.32 -35.45
C PRO B 369 -9.98 6.60 -34.84
N ARG B 370 -10.62 7.74 -35.10
CA ARG B 370 -10.15 9.00 -34.55
C ARG B 370 -10.19 8.98 -33.03
N ASP B 371 -11.19 8.32 -32.46
CA ASP B 371 -11.22 8.16 -31.00
C ASP B 371 -10.00 7.40 -30.51
N GLU B 372 -9.62 6.32 -31.22
CA GLU B 372 -8.42 5.59 -30.85
C GLU B 372 -7.18 6.46 -30.95
N LEU B 373 -7.08 7.26 -32.01
CA LEU B 373 -5.94 8.15 -32.14
C LEU B 373 -5.87 9.13 -30.97
N GLU B 374 -7.01 9.70 -30.58
CA GLU B 374 -7.03 10.64 -29.46
C GLU B 374 -6.62 9.95 -28.17
N ARG B 375 -7.10 8.72 -27.95
CA ARG B 375 -6.74 8.01 -26.72
C ARG B 375 -5.25 7.71 -26.67
N VAL B 376 -4.67 7.30 -27.81
CA VAL B 376 -3.22 7.08 -27.86
C VAL B 376 -2.48 8.39 -27.61
N ARG B 377 -2.97 9.50 -28.16
CA ARG B 377 -2.33 10.78 -27.91
C ARG B 377 -2.34 11.10 -26.42
N VAL B 378 -3.48 10.87 -25.76
CA VAL B 378 -3.59 11.16 -24.34
C VAL B 378 -2.62 10.31 -23.54
N SER B 379 -2.56 9.01 -23.85
CA SER B 379 -1.66 8.12 -23.12
C SER B 379 -0.20 8.53 -23.33
N CYS B 380 0.16 8.86 -24.56
CA CYS B 380 1.53 9.28 -24.85
C CYS B 380 1.87 10.56 -24.10
N THR B 381 0.94 11.52 -24.06
CA THR B 381 1.18 12.75 -23.34
C THR B 381 1.36 12.49 -21.85
N ILE B 382 0.54 11.59 -21.29
CA ILE B 382 0.66 11.27 -19.87
C ILE B 382 2.03 10.67 -19.58
N ILE B 383 2.47 9.72 -20.42
CA ILE B 383 3.78 9.09 -20.20
C ILE B 383 4.89 10.13 -20.32
N PHE B 384 4.79 11.00 -21.32
CA PHE B 384 5.81 12.02 -21.52
C PHE B 384 5.89 12.94 -20.31
N LEU B 385 4.74 13.37 -19.79
CA LEU B 385 4.74 14.22 -18.60
C LEU B 385 5.34 13.48 -17.41
N ALA B 386 5.02 12.18 -17.27
CA ALA B 386 5.55 11.42 -16.15
C ALA B 386 7.07 11.33 -16.19
N SER B 387 7.64 11.13 -17.37
CA SER B 387 9.08 10.89 -17.48
C SER B 387 9.91 12.17 -17.60
N ILE B 388 9.35 13.23 -18.17
CA ILE B 388 10.11 14.46 -18.34
C ILE B 388 10.46 15.08 -17.00
N PHE B 389 9.60 14.90 -15.99
CA PHE B 389 9.91 15.42 -14.67
C PHE B 389 11.10 14.69 -14.04
N GLN B 390 11.18 13.37 -14.23
CA GLN B 390 12.35 12.64 -13.76
C GLN B 390 13.60 13.11 -14.49
N LEU B 391 13.50 13.31 -15.81
CA LEU B 391 14.64 13.82 -16.56
C LEU B 391 15.08 15.19 -16.02
N ALA B 392 14.12 16.07 -15.77
CA ALA B 392 14.43 17.41 -15.27
C ALA B 392 15.07 17.34 -13.89
N MET B 393 14.60 16.44 -13.03
CA MET B 393 15.20 16.31 -11.71
C MET B 393 16.62 15.78 -11.81
N TRP B 394 16.88 14.87 -12.76
CA TRP B 394 18.26 14.43 -12.95
C TRP B 394 19.14 15.56 -13.44
N THR B 395 18.62 16.42 -14.31
CA THR B 395 19.41 17.59 -14.73
C THR B 395 19.67 18.52 -13.55
N THR B 396 18.67 18.71 -12.69
CA THR B 396 18.86 19.53 -11.50
C THR B 396 19.90 18.93 -10.57
N ALA B 397 20.01 17.60 -10.56
CA ALA B 397 21.05 16.95 -9.78
C ALA B 397 22.42 17.12 -10.44
N LEU B 398 22.47 17.05 -11.77
CA LEU B 398 23.71 17.31 -12.48
C LEU B 398 24.17 18.75 -12.28
N LEU B 399 23.24 19.65 -11.98
CA LEU B 399 23.60 21.05 -11.77
C LEU B 399 24.69 21.18 -10.72
N HIS B 400 24.49 20.56 -9.54
CA HIS B 400 25.57 20.39 -8.57
C HIS B 400 25.63 18.91 -8.17
N GLN B 401 26.17 18.10 -9.08
CA GLN B 401 26.64 16.76 -8.75
C GLN B 401 27.61 16.78 -7.57
N ALA B 402 28.43 17.82 -7.46
CA ALA B 402 29.42 17.88 -6.40
C ALA B 402 28.79 17.62 -5.04
N GLU B 403 27.60 18.16 -4.81
CA GLU B 403 26.87 17.94 -3.58
C GLU B 403 25.69 16.97 -3.73
N THR B 404 25.41 16.52 -4.96
CA THR B 404 24.25 15.68 -5.21
C THR B 404 24.62 14.26 -5.62
N LEU B 405 25.42 14.08 -6.66
CA LEU B 405 25.71 12.77 -7.22
C LEU B 405 27.04 12.23 -6.70
N GLN B 406 27.20 10.91 -6.84
CA GLN B 406 28.45 10.25 -6.55
C GLN B 406 29.44 10.47 -7.69
N PRO B 407 30.74 10.28 -7.43
CA PRO B 407 31.72 10.47 -8.51
C PRO B 407 31.50 9.56 -9.71
N SER B 408 30.86 8.41 -9.52
CA SER B 408 30.69 7.47 -10.63
C SER B 408 29.86 8.08 -11.76
N VAL B 409 28.79 8.78 -11.41
CA VAL B 409 27.89 9.36 -12.40
C VAL B 409 28.21 10.82 -12.69
N TRP B 410 29.40 11.28 -12.29
CA TRP B 410 29.81 12.64 -12.60
C TRP B 410 29.95 12.82 -14.11
N PHE B 411 30.11 14.07 -14.52
CA PHE B 411 30.29 14.38 -15.94
C PHE B 411 31.49 13.61 -16.48
N GLY B 412 31.29 12.93 -17.61
CA GLY B 412 32.33 12.10 -18.17
C GLY B 412 32.56 10.79 -17.44
N GLY B 413 31.65 10.40 -16.55
CA GLY B 413 31.83 9.19 -15.77
C GLY B 413 31.52 7.94 -16.57
N ARG B 414 31.82 6.80 -15.95
CA ARG B 414 31.60 5.51 -16.61
C ARG B 414 30.12 5.28 -16.91
N GLU B 415 29.25 5.60 -15.95
CA GLU B 415 27.82 5.34 -16.08
C GLU B 415 27.03 6.58 -16.46
N HIS B 416 27.71 7.68 -16.82
CA HIS B 416 27.00 8.90 -17.17
C HIS B 416 26.12 8.69 -18.40
N VAL B 417 26.69 8.11 -19.46
CA VAL B 417 25.92 7.89 -20.68
C VAL B 417 24.85 6.83 -20.46
N LEU B 418 25.16 5.81 -19.65
CA LEU B 418 24.15 4.80 -19.34
C LEU B 418 22.96 5.41 -18.63
N MET B 419 23.21 6.30 -17.67
CA MET B 419 22.11 6.96 -16.96
C MET B 419 21.36 7.90 -17.88
N PHE B 420 22.08 8.61 -18.76
CA PHE B 420 21.43 9.43 -19.78
C PHE B 420 20.44 8.61 -20.58
N ALA B 421 20.88 7.46 -21.10
CA ALA B 421 20.00 6.61 -21.90
C ALA B 421 18.84 6.10 -21.07
N LYS B 422 19.12 5.67 -19.83
CA LYS B 422 18.06 5.13 -18.99
C LYS B 422 16.96 6.15 -18.74
N LEU B 423 17.33 7.40 -18.50
CA LEU B 423 16.37 8.45 -18.21
C LEU B 423 15.79 9.12 -19.44
N ALA B 424 16.38 8.90 -20.62
CA ALA B 424 15.86 9.50 -21.85
C ALA B 424 15.16 8.51 -22.77
N LEU B 425 15.20 7.21 -22.45
CA LEU B 425 14.53 6.23 -23.31
C LEU B 425 13.04 6.48 -23.38
N TYR B 426 12.39 6.73 -22.24
CA TYR B 426 10.94 6.87 -22.21
C TYR B 426 10.50 8.22 -22.77
N PRO B 427 11.09 9.33 -22.30
CA PRO B 427 10.68 10.64 -22.87
C PRO B 427 10.82 10.70 -24.38
N CYS B 428 11.98 10.29 -24.91
CA CYS B 428 12.21 10.37 -26.34
C CYS B 428 11.23 9.49 -27.10
N ALA B 429 11.05 8.24 -26.65
CA ALA B 429 10.14 7.32 -27.34
C ALA B 429 8.71 7.84 -27.32
N SER B 430 8.28 8.36 -26.17
CA SER B 430 6.93 8.93 -26.10
C SER B 430 6.80 10.12 -27.05
N LEU B 431 7.84 10.94 -27.15
CA LEU B 431 7.79 12.08 -28.06
C LEU B 431 7.67 11.60 -29.51
N LEU B 432 8.44 10.57 -29.88
CA LEU B 432 8.33 10.06 -31.25
C LEU B 432 6.95 9.48 -31.52
N ALA B 433 6.39 8.75 -30.55
CA ALA B 433 5.05 8.20 -30.73
C ALA B 433 4.02 9.32 -30.88
N PHE B 434 4.12 10.35 -30.05
CA PHE B 434 3.20 11.48 -30.16
C PHE B 434 3.32 12.16 -31.52
N ALA B 435 4.55 12.34 -32.00
CA ALA B 435 4.74 12.94 -33.33
C ALA B 435 4.13 12.06 -34.42
N SER B 436 4.35 10.74 -34.33
CA SER B 436 3.81 9.83 -35.35
C SER B 436 2.29 9.81 -35.32
N THR B 437 1.69 10.07 -34.16
CA THR B 437 0.22 10.10 -34.10
C THR B 437 -0.35 11.13 -35.06
N CYS B 438 0.42 12.17 -35.39
CA CYS B 438 -0.01 13.20 -36.32
C CYS B 438 0.66 13.11 -37.68
N LEU B 439 1.88 12.57 -37.74
CA LEU B 439 2.59 12.47 -39.02
C LEU B 439 1.96 11.43 -39.92
N LEU B 440 1.92 10.18 -39.48
CA LEU B 440 1.34 9.09 -40.27
C LEU B 440 -0.18 9.02 -40.10
N SER B 441 -0.65 8.98 -38.86
CA SER B 441 -2.07 8.93 -38.53
C SER B 441 -2.74 7.65 -39.00
N ARG B 442 -1.96 6.64 -39.39
CA ARG B 442 -2.51 5.36 -39.84
C ARG B 442 -1.94 4.18 -39.08
N PHE B 443 -0.65 4.22 -38.73
CA PHE B 443 -0.03 3.17 -37.93
C PHE B 443 0.29 3.63 -36.51
N SER B 444 -0.32 4.74 -36.08
CA SER B 444 -0.02 5.27 -34.75
C SER B 444 -0.42 4.28 -33.66
N VAL B 445 -1.59 3.65 -33.80
CA VAL B 445 -2.01 2.65 -32.82
C VAL B 445 -1.05 1.47 -32.82
N GLY B 446 -0.70 0.99 -34.02
CA GLY B 446 0.28 -0.08 -34.11
C GLY B 446 1.65 0.35 -33.61
N ILE B 447 2.01 1.61 -33.85
CA ILE B 447 3.30 2.11 -33.36
C ILE B 447 3.33 2.07 -31.83
N PHE B 448 2.25 2.52 -31.19
CA PHE B 448 2.19 2.46 -29.73
C PHE B 448 2.22 1.01 -29.24
N HIS B 449 1.47 0.14 -29.91
CA HIS B 449 1.42 -1.27 -29.47
C HIS B 449 2.80 -1.92 -29.56
N LEU B 450 3.54 -1.66 -30.64
CA LEU B 450 4.86 -2.25 -30.77
C LEU B 450 5.87 -1.58 -29.86
N MET B 451 5.70 -0.27 -29.58
CA MET B 451 6.58 0.40 -28.64
C MET B 451 6.41 -0.16 -27.24
N GLN B 452 5.18 -0.53 -26.86
CA GLN B 452 4.94 -1.09 -25.53
C GLN B 452 5.78 -2.33 -25.28
N ILE B 453 6.15 -3.05 -26.33
CA ILE B 453 6.94 -4.28 -26.19
C ILE B 453 8.40 -3.97 -26.49
N ALA B 454 8.66 -2.94 -27.29
CA ALA B 454 10.03 -2.60 -27.65
C ALA B 454 10.77 -1.97 -26.47
N VAL B 455 10.12 -1.06 -25.74
CA VAL B 455 10.81 -0.33 -24.67
C VAL B 455 11.36 -1.29 -23.62
N PRO B 456 10.59 -2.27 -23.11
CA PRO B 456 11.20 -3.22 -22.17
C PRO B 456 12.41 -3.95 -22.72
N CYS B 457 12.37 -4.31 -24.00
CA CYS B 457 13.53 -4.98 -24.60
C CYS B 457 14.74 -4.07 -24.61
N ALA B 458 14.55 -2.80 -24.96
CA ALA B 458 15.66 -1.86 -24.94
C ALA B 458 16.20 -1.68 -23.53
N PHE B 459 15.31 -1.60 -22.53
CA PHE B 459 15.76 -1.46 -21.15
C PHE B 459 16.57 -2.68 -20.72
N LEU B 460 16.11 -3.87 -21.07
CA LEU B 460 16.84 -5.08 -20.70
C LEU B 460 18.22 -5.11 -21.35
N LEU B 461 18.31 -4.74 -22.63
CA LEU B 461 19.56 -4.68 -23.35
C LEU B 461 20.15 -3.28 -23.37
N LEU B 462 19.85 -2.47 -22.36
CA LEU B 462 20.30 -1.07 -22.38
C LEU B 462 21.81 -0.98 -22.35
N ARG B 463 22.48 -1.87 -21.62
CA ARG B 463 23.94 -1.85 -21.58
C ARG B 463 24.54 -2.12 -22.96
N LEU B 464 24.11 -3.21 -23.60
CA LEU B 464 24.63 -3.54 -24.92
C LEU B 464 24.24 -2.49 -25.95
N LEU B 465 23.01 -1.98 -25.87
CA LEU B 465 22.58 -0.94 -26.81
C LEU B 465 23.41 0.32 -26.65
N VAL B 466 23.70 0.71 -25.41
CA VAL B 466 24.53 1.88 -25.16
C VAL B 466 25.94 1.65 -25.67
N GLY B 467 26.48 0.45 -25.47
CA GLY B 467 27.80 0.15 -26.01
C GLY B 467 27.84 0.25 -27.52
N LEU B 468 26.83 -0.31 -28.19
CA LEU B 468 26.75 -0.21 -29.65
C LEU B 468 26.62 1.23 -30.10
N ALA B 469 25.81 2.02 -29.40
CA ALA B 469 25.65 3.43 -29.74
C ALA B 469 26.96 4.18 -29.60
N LEU B 470 27.72 3.90 -28.54
CA LEU B 470 29.03 4.51 -28.37
C LEU B 470 29.96 4.11 -29.51
N ALA B 471 29.97 2.82 -29.86
CA ALA B 471 30.87 2.34 -30.90
C ALA B 471 30.56 2.97 -32.24
N THR B 472 29.28 3.08 -32.60
CA THR B 472 28.92 3.61 -33.91
C THR B 472 29.11 5.12 -33.97
N LEU B 473 28.70 5.97 -32.74
CA LEU B 473 28.85 7.44 -32.72
C LEU B 473 30.31 7.85 -32.67
N ARG B 474 31.16 7.07 -32.00
CA ARG B 474 32.55 7.46 -31.81
C ARG B 474 33.27 7.58 -33.15
N VAL B 475 33.18 6.54 -33.99
CA VAL B 475 33.89 6.51 -35.26
C VAL B 475 33.03 6.98 -36.43
N LEU B 476 31.80 7.40 -36.18
CA LEU B 476 30.92 7.87 -37.24
C LEU B 476 31.55 9.07 -37.94
#